data_2K3O
#
_entry.id   2K3O
#
_entity_poly.entity_id   1
_entity_poly.type   'polypeptide(L)'
_entity_poly.pdbx_seq_one_letter_code
;SYSSAFAQAASSSLATSSAISRAFASVSSASAASSLAYNIGLSAARSLGIASDTALAGALAQAVGGVGAGASASAYANAI
ARAAGQFLATQGVLNAVNASSLGSALANALSDSAANSAVSGNYLGVSQN
;
_entity_poly.pdbx_strand_id   A
#
# COMPACT_ATOMS: atom_id res chain seq x y z
N SER A 1 -13.74 -14.97 5.50
CA SER A 1 -12.94 -13.74 5.73
C SER A 1 -11.95 -13.48 4.59
N TYR A 2 -12.45 -12.87 3.50
CA TYR A 2 -11.63 -12.56 2.32
C TYR A 2 -10.66 -11.39 2.56
N SER A 3 -11.04 -10.39 3.36
CA SER A 3 -10.15 -9.27 3.74
C SER A 3 -8.94 -9.73 4.57
N SER A 4 -9.14 -10.62 5.54
CA SER A 4 -8.05 -11.25 6.30
C SER A 4 -7.13 -12.13 5.46
N ALA A 5 -7.67 -12.84 4.46
CA ALA A 5 -6.89 -13.65 3.54
C ALA A 5 -6.06 -12.79 2.57
N PHE A 6 -6.68 -11.76 1.98
CA PHE A 6 -6.00 -10.73 1.19
C PHE A 6 -4.89 -10.07 2.00
N ALA A 7 -5.15 -9.64 3.24
CA ALA A 7 -4.15 -9.09 4.15
C ALA A 7 -3.06 -10.09 4.57
N GLN A 8 -3.31 -11.40 4.63
CA GLN A 8 -2.26 -12.41 4.88
C GLN A 8 -1.25 -12.47 3.72
N ALA A 9 -1.72 -12.62 2.48
CA ALA A 9 -0.83 -12.65 1.29
C ALA A 9 -0.16 -11.29 1.03
N ALA A 10 -0.92 -10.19 1.12
CA ALA A 10 -0.38 -8.84 1.06
C ALA A 10 0.69 -8.61 2.13
N SER A 11 0.41 -8.96 3.38
CA SER A 11 1.40 -8.85 4.46
C SER A 11 2.63 -9.73 4.20
N SER A 12 2.46 -10.97 3.71
CA SER A 12 3.60 -11.86 3.37
C SER A 12 4.58 -11.19 2.39
N SER A 13 4.06 -10.57 1.33
CA SER A 13 4.88 -9.79 0.37
C SER A 13 5.34 -8.42 0.89
N LEU A 14 4.51 -7.67 1.62
CA LEU A 14 4.89 -6.36 2.18
C LEU A 14 5.95 -6.50 3.31
N ALA A 15 5.94 -7.58 4.08
CA ALA A 15 6.95 -7.87 5.09
C ALA A 15 8.29 -8.33 4.48
N THR A 16 8.28 -9.03 3.34
CA THR A 16 9.50 -9.39 2.58
C THR A 16 10.02 -8.23 1.71
N SER A 17 9.20 -7.18 1.52
CA SER A 17 9.55 -5.99 0.74
C SER A 17 10.26 -4.92 1.58
N SER A 18 11.56 -5.07 1.74
CA SER A 18 12.43 -4.08 2.38
C SER A 18 12.31 -2.68 1.76
N ALA A 19 11.95 -2.56 0.48
CA ALA A 19 11.66 -1.27 -0.17
C ALA A 19 10.41 -0.57 0.41
N ILE A 20 9.38 -1.32 0.78
CA ILE A 20 8.18 -0.78 1.45
C ILE A 20 8.52 -0.39 2.91
N SER A 21 9.30 -1.21 3.61
CA SER A 21 9.78 -0.88 4.96
C SER A 21 10.61 0.42 4.95
N ARG A 22 11.53 0.57 3.98
CA ARG A 22 12.28 1.83 3.77
C ARG A 22 11.38 3.00 3.36
N ALA A 23 10.36 2.80 2.52
CA ALA A 23 9.36 3.84 2.22
C ALA A 23 8.71 4.41 3.50
N PHE A 24 8.23 3.54 4.39
CA PHE A 24 7.61 3.96 5.66
C PHE A 24 8.60 4.50 6.72
N ALA A 25 9.87 4.05 6.73
CA ALA A 25 10.88 4.60 7.63
C ALA A 25 11.49 5.92 7.13
N SER A 26 11.49 6.17 5.82
CA SER A 26 12.00 7.41 5.22
C SER A 26 11.16 8.63 5.59
N VAL A 27 9.83 8.52 5.47
CA VAL A 27 8.88 9.55 5.91
C VAL A 27 8.86 9.71 7.44
N SER A 28 8.65 10.93 7.93
CA SER A 28 8.66 11.27 9.37
C SER A 28 7.43 12.08 9.82
N SER A 29 6.41 12.13 8.96
CA SER A 29 5.14 12.84 9.18
C SER A 29 3.98 11.99 8.65
N ALA A 30 2.85 11.95 9.37
CA ALA A 30 1.67 11.20 8.96
C ALA A 30 1.10 11.68 7.61
N SER A 31 1.24 12.97 7.27
CA SER A 31 0.89 13.53 5.95
C SER A 31 1.88 13.16 4.84
N ALA A 32 3.18 12.96 5.17
CA ALA A 32 4.16 12.44 4.20
C ALA A 32 3.90 10.94 3.96
N ALA A 33 3.57 10.19 5.00
CA ALA A 33 3.19 8.78 4.90
C ALA A 33 1.87 8.58 4.13
N SER A 34 0.83 9.38 4.42
CA SER A 34 -0.44 9.35 3.69
C SER A 34 -0.27 9.81 2.25
N SER A 35 0.59 10.81 1.96
CA SER A 35 0.91 11.23 0.60
C SER A 35 1.72 10.19 -0.18
N LEU A 36 2.67 9.47 0.43
CA LEU A 36 3.31 8.31 -0.22
C LEU A 36 2.26 7.24 -0.54
N ALA A 37 1.39 6.89 0.42
CA ALA A 37 0.31 5.92 0.23
C ALA A 37 -0.71 6.36 -0.83
N TYR A 38 -0.92 7.67 -0.98
CA TYR A 38 -1.72 8.24 -2.07
C TYR A 38 -1.00 8.05 -3.43
N ASN A 39 0.26 8.48 -3.56
CA ASN A 39 1.02 8.36 -4.81
C ASN A 39 1.18 6.90 -5.28
N ILE A 40 1.65 6.00 -4.40
CA ILE A 40 1.77 4.56 -4.73
C ILE A 40 0.41 3.90 -4.96
N GLY A 41 -0.64 4.39 -4.32
CA GLY A 41 -2.03 3.94 -4.50
C GLY A 41 -2.64 4.36 -5.82
N LEU A 42 -2.41 5.58 -6.30
CA LEU A 42 -2.81 6.04 -7.64
C LEU A 42 -2.15 5.18 -8.74
N SER A 43 -0.85 4.90 -8.61
CA SER A 43 -0.10 4.01 -9.51
C SER A 43 -0.66 2.59 -9.51
N ALA A 44 -0.88 1.99 -8.34
CA ALA A 44 -1.49 0.66 -8.23
C ALA A 44 -2.93 0.62 -8.78
N ALA A 45 -3.76 1.62 -8.47
CA ALA A 45 -5.13 1.76 -8.95
C ALA A 45 -5.20 1.90 -10.49
N ARG A 46 -4.29 2.69 -11.11
CA ARG A 46 -4.17 2.79 -12.57
C ARG A 46 -3.71 1.47 -13.22
N SER A 47 -2.74 0.76 -12.66
CA SER A 47 -2.31 -0.57 -13.12
C SER A 47 -3.42 -1.64 -13.00
N LEU A 48 -4.26 -1.57 -11.97
CA LEU A 48 -5.39 -2.49 -11.73
C LEU A 48 -6.69 -2.09 -12.46
N GLY A 49 -6.79 -0.85 -12.97
CA GLY A 49 -7.90 -0.38 -13.83
C GLY A 49 -9.10 0.25 -13.12
N ILE A 50 -8.91 0.76 -11.88
CA ILE A 50 -9.96 1.30 -11.00
C ILE A 50 -10.56 2.59 -11.59
N ALA A 51 -11.90 2.72 -11.57
CA ALA A 51 -12.66 3.87 -12.10
C ALA A 51 -12.66 5.13 -11.18
N SER A 52 -11.98 5.04 -10.02
CA SER A 52 -11.98 6.08 -8.98
C SER A 52 -10.64 6.08 -8.21
N ASP A 53 -9.52 6.26 -8.94
CA ASP A 53 -8.16 6.12 -8.39
C ASP A 53 -7.95 6.98 -7.13
N THR A 54 -8.43 8.21 -7.16
CA THR A 54 -8.43 9.19 -6.06
C THR A 54 -9.18 8.71 -4.80
N ALA A 55 -10.22 7.89 -4.94
CA ALA A 55 -10.95 7.31 -3.81
C ALA A 55 -10.22 6.10 -3.21
N LEU A 56 -9.65 5.18 -4.02
CA LEU A 56 -8.87 4.06 -3.48
C LEU A 56 -7.58 4.56 -2.82
N ALA A 57 -6.82 5.41 -3.52
CA ALA A 57 -5.62 6.05 -2.98
C ALA A 57 -5.92 6.94 -1.75
N GLY A 58 -7.09 7.60 -1.73
CA GLY A 58 -7.59 8.35 -0.59
C GLY A 58 -7.92 7.47 0.62
N ALA A 59 -8.50 6.29 0.42
CA ALA A 59 -8.65 5.30 1.49
C ALA A 59 -7.29 4.79 1.99
N LEU A 60 -6.30 4.56 1.13
CA LEU A 60 -4.94 4.19 1.57
C LEU A 60 -4.24 5.33 2.35
N ALA A 61 -4.46 6.59 1.95
CA ALA A 61 -3.97 7.77 2.67
C ALA A 61 -4.56 7.82 4.09
N GLN A 62 -5.90 7.67 4.23
CA GLN A 62 -6.56 7.59 5.54
C GLN A 62 -6.17 6.33 6.34
N ALA A 63 -5.87 5.20 5.69
CA ALA A 63 -5.40 3.97 6.35
C ALA A 63 -4.03 4.16 7.04
N VAL A 64 -3.04 4.69 6.30
CA VAL A 64 -1.69 4.99 6.82
C VAL A 64 -1.72 6.12 7.85
N GLY A 65 -2.51 7.18 7.59
CA GLY A 65 -2.76 8.25 8.57
C GLY A 65 -3.51 7.78 9.84
N GLY A 66 -4.23 6.66 9.77
CA GLY A 66 -4.95 6.05 10.89
C GLY A 66 -4.05 5.48 11.99
N VAL A 67 -2.87 4.93 11.63
CA VAL A 67 -1.82 4.59 12.59
C VAL A 67 -0.95 5.82 12.89
N GLY A 68 -0.69 6.66 11.88
CA GLY A 68 0.22 7.81 11.99
C GLY A 68 1.72 7.42 11.99
N ALA A 69 2.59 8.43 11.92
CA ALA A 69 4.04 8.26 11.84
C ALA A 69 4.68 7.54 13.06
N GLY A 70 5.86 6.92 12.85
CA GLY A 70 6.61 6.21 13.89
C GLY A 70 5.99 4.85 14.26
N ALA A 71 5.73 4.01 13.24
CA ALA A 71 5.09 2.69 13.38
C ALA A 71 5.75 1.59 12.51
N SER A 72 5.45 0.32 12.82
CA SER A 72 5.95 -0.85 12.07
C SER A 72 5.50 -0.87 10.61
N ALA A 73 6.34 -1.38 9.72
CA ALA A 73 5.96 -1.71 8.36
C ALA A 73 4.75 -2.66 8.29
N SER A 74 4.60 -3.57 9.26
CA SER A 74 3.43 -4.45 9.38
C SER A 74 2.14 -3.67 9.68
N ALA A 75 2.19 -2.63 10.52
CA ALA A 75 1.03 -1.80 10.86
C ALA A 75 0.51 -1.02 9.64
N TYR A 76 1.39 -0.35 8.90
CA TYR A 76 1.02 0.36 7.67
C TYR A 76 0.57 -0.62 6.56
N ALA A 77 1.30 -1.73 6.37
CA ALA A 77 0.97 -2.74 5.35
C ALA A 77 -0.40 -3.41 5.61
N ASN A 78 -0.69 -3.75 6.86
CA ASN A 78 -1.99 -4.29 7.25
C ASN A 78 -3.10 -3.24 7.08
N ALA A 79 -2.86 -1.96 7.46
CA ALA A 79 -3.82 -0.89 7.23
C ALA A 79 -4.14 -0.69 5.74
N ILE A 80 -3.13 -0.63 4.87
CA ILE A 80 -3.29 -0.56 3.41
C ILE A 80 -4.05 -1.79 2.89
N ALA A 81 -3.64 -3.00 3.28
CA ALA A 81 -4.26 -4.24 2.81
C ALA A 81 -5.69 -4.42 3.34
N ARG A 82 -6.06 -3.88 4.51
CA ARG A 82 -7.47 -3.85 4.96
C ARG A 82 -8.29 -2.79 4.21
N ALA A 83 -7.70 -1.63 3.88
CA ALA A 83 -8.40 -0.55 3.16
C ALA A 83 -8.59 -0.86 1.67
N ALA A 84 -7.54 -1.30 0.98
CA ALA A 84 -7.65 -1.98 -0.31
C ALA A 84 -8.62 -3.18 -0.20
N GLY A 85 -8.47 -4.02 0.82
CA GLY A 85 -9.35 -5.16 1.08
C GLY A 85 -10.85 -4.80 1.11
N GLN A 86 -11.23 -3.76 1.86
CA GLN A 86 -12.61 -3.23 1.86
C GLN A 86 -13.04 -2.75 0.46
N PHE A 87 -12.17 -2.04 -0.27
CA PHE A 87 -12.49 -1.54 -1.60
C PHE A 87 -12.68 -2.67 -2.64
N LEU A 88 -11.78 -3.65 -2.67
CA LEU A 88 -11.85 -4.83 -3.55
C LEU A 88 -12.99 -5.79 -3.14
N ALA A 89 -13.38 -5.82 -1.86
CA ALA A 89 -14.59 -6.51 -1.41
C ALA A 89 -15.86 -5.84 -1.94
N THR A 90 -16.00 -4.51 -1.83
CA THR A 90 -17.16 -3.81 -2.41
C THR A 90 -17.19 -3.84 -3.95
N GLN A 91 -16.06 -4.01 -4.64
CA GLN A 91 -16.05 -4.28 -6.08
C GLN A 91 -16.35 -5.75 -6.44
N GLY A 92 -16.36 -6.67 -5.47
CA GLY A 92 -16.51 -8.12 -5.70
C GLY A 92 -15.28 -8.79 -6.33
N VAL A 93 -14.13 -8.11 -6.37
CA VAL A 93 -12.84 -8.66 -6.81
C VAL A 93 -12.36 -9.76 -5.85
N LEU A 94 -12.64 -9.62 -4.54
CA LEU A 94 -12.35 -10.68 -3.57
C LEU A 94 -13.41 -11.79 -3.61
N ASN A 95 -12.95 -13.02 -3.89
CA ASN A 95 -13.77 -14.21 -4.12
C ASN A 95 -13.03 -15.50 -3.70
N ALA A 96 -13.76 -16.60 -3.45
CA ALA A 96 -13.17 -17.88 -3.01
C ALA A 96 -12.23 -18.54 -4.06
N VAL A 97 -12.21 -18.04 -5.30
CA VAL A 97 -11.24 -18.43 -6.33
C VAL A 97 -9.79 -18.22 -5.88
N ASN A 98 -9.46 -17.02 -5.35
CA ASN A 98 -8.11 -16.62 -4.88
C ASN A 98 -8.01 -15.23 -4.20
N ALA A 99 -9.01 -14.82 -3.42
CA ALA A 99 -8.95 -13.57 -2.63
C ALA A 99 -7.66 -13.44 -1.78
N SER A 100 -7.13 -14.56 -1.29
CA SER A 100 -5.79 -14.60 -0.69
C SER A 100 -4.71 -14.16 -1.67
N SER A 101 -4.46 -14.90 -2.75
CA SER A 101 -3.40 -14.60 -3.72
C SER A 101 -3.52 -13.23 -4.40
N LEU A 102 -4.72 -12.66 -4.55
CA LEU A 102 -4.88 -11.30 -5.04
C LEU A 102 -4.29 -10.23 -4.09
N GLY A 103 -4.13 -10.54 -2.80
CA GLY A 103 -3.38 -9.73 -1.84
C GLY A 103 -1.90 -9.64 -2.17
N SER A 104 -1.26 -10.76 -2.53
CA SER A 104 0.09 -10.74 -3.10
C SER A 104 0.15 -9.92 -4.40
N ALA A 105 -0.85 -10.03 -5.29
CA ALA A 105 -0.91 -9.23 -6.52
C ALA A 105 -0.99 -7.72 -6.24
N LEU A 106 -1.81 -7.27 -5.27
CA LEU A 106 -1.80 -5.87 -4.85
C LEU A 106 -0.46 -5.48 -4.22
N ALA A 107 0.09 -6.26 -3.28
CA ALA A 107 1.40 -6.01 -2.69
C ALA A 107 2.53 -5.94 -3.73
N ASN A 108 2.46 -6.70 -4.83
CA ASN A 108 3.39 -6.58 -5.96
C ASN A 108 3.20 -5.24 -6.72
N ALA A 109 1.97 -4.79 -6.93
CA ALA A 109 1.69 -3.45 -7.48
C ALA A 109 2.22 -2.31 -6.58
N LEU A 110 1.98 -2.36 -5.27
CA LEU A 110 2.55 -1.41 -4.30
C LEU A 110 4.07 -1.49 -4.25
N SER A 111 4.67 -2.69 -4.37
CA SER A 111 6.13 -2.89 -4.40
C SER A 111 6.75 -2.27 -5.66
N ASP A 112 6.15 -2.47 -6.84
CA ASP A 112 6.53 -1.75 -8.06
C ASP A 112 6.48 -0.22 -7.86
N SER A 113 5.39 0.28 -7.27
CA SER A 113 5.23 1.71 -6.93
C SER A 113 6.27 2.25 -5.92
N ALA A 114 6.61 1.50 -4.86
CA ALA A 114 7.59 1.93 -3.84
C ALA A 114 9.04 1.84 -4.34
N ALA A 115 9.37 0.86 -5.18
CA ALA A 115 10.63 0.85 -5.93
C ALA A 115 10.68 2.02 -6.93
N ASN A 116 9.57 2.30 -7.63
CA ASN A 116 9.42 3.47 -8.50
C ASN A 116 9.61 4.81 -7.76
N SER A 117 9.36 4.93 -6.46
CA SER A 117 9.70 6.15 -5.69
C SER A 117 11.19 6.52 -5.76
N ALA A 118 12.09 5.59 -6.07
CA ALA A 118 13.50 5.88 -6.34
C ALA A 118 13.77 6.55 -7.71
N VAL A 119 12.80 6.59 -8.64
CA VAL A 119 12.87 7.40 -9.87
C VAL A 119 13.02 8.89 -9.54
N SER A 120 12.28 9.39 -8.54
CA SER A 120 12.34 10.78 -8.08
C SER A 120 13.66 11.13 -7.37
N GLY A 121 14.34 10.11 -6.83
CA GLY A 121 15.69 10.21 -6.23
C GLY A 121 15.89 11.32 -5.19
N ASN A 122 14.86 11.65 -4.40
CA ASN A 122 14.94 12.66 -3.32
C ASN A 122 14.04 12.35 -2.12
N TYR A 123 12.88 11.72 -2.36
CA TYR A 123 11.91 11.35 -1.31
C TYR A 123 12.42 10.27 -0.32
N LEU A 124 13.34 9.39 -0.75
CA LEU A 124 14.03 8.39 0.10
C LEU A 124 15.12 9.03 1.02
N GLY A 125 14.83 10.22 1.56
CA GLY A 125 15.70 11.03 2.43
C GLY A 125 16.84 11.78 1.70
N VAL A 126 17.42 11.12 0.70
CA VAL A 126 18.60 11.50 -0.12
C VAL A 126 19.92 11.61 0.66
N SER A 127 21.02 11.28 -0.02
CA SER A 127 22.40 11.32 0.49
C SER A 127 23.43 11.48 -0.64
N GLN A 128 24.67 11.80 -0.27
CA GLN A 128 25.80 12.04 -1.20
C GLN A 128 27.12 11.41 -0.69
N ASN A 129 26.98 10.29 0.04
CA ASN A 129 28.04 9.46 0.64
C ASN A 129 28.01 8.03 0.06
N SER A 1 -13.29 -15.40 6.09
CA SER A 1 -13.06 -13.96 5.96
C SER A 1 -12.22 -13.60 4.72
N TYR A 2 -12.76 -12.73 3.87
CA TYR A 2 -12.11 -12.29 2.63
C TYR A 2 -11.04 -11.23 2.89
N SER A 3 -11.31 -10.25 3.76
CA SER A 3 -10.34 -9.20 4.14
C SER A 3 -9.13 -9.77 4.88
N SER A 4 -9.35 -10.69 5.84
CA SER A 4 -8.26 -11.40 6.53
C SER A 4 -7.44 -12.30 5.60
N ALA A 5 -8.07 -12.98 4.64
CA ALA A 5 -7.37 -13.82 3.66
C ALA A 5 -6.55 -12.99 2.65
N PHE A 6 -7.14 -11.91 2.13
CA PHE A 6 -6.45 -10.94 1.29
C PHE A 6 -5.27 -10.32 2.05
N ALA A 7 -5.49 -9.83 3.27
CA ALA A 7 -4.45 -9.30 4.13
C ALA A 7 -3.39 -10.36 4.52
N GLN A 8 -3.71 -11.65 4.60
CA GLN A 8 -2.72 -12.71 4.81
C GLN A 8 -1.76 -12.86 3.62
N ALA A 9 -2.28 -13.04 2.40
CA ALA A 9 -1.43 -13.16 1.21
C ALA A 9 -0.72 -11.84 0.90
N ALA A 10 -1.39 -10.70 1.07
CA ALA A 10 -0.80 -9.38 0.94
C ALA A 10 0.33 -9.19 1.96
N SER A 11 0.10 -9.44 3.26
CA SER A 11 1.13 -9.39 4.30
C SER A 11 2.31 -10.31 4.00
N SER A 12 2.08 -11.53 3.50
CA SER A 12 3.17 -12.44 3.11
C SER A 12 3.97 -11.90 1.92
N SER A 13 3.29 -11.51 0.84
CA SER A 13 3.90 -10.97 -0.40
C SER A 13 4.48 -9.55 -0.27
N LEU A 14 4.13 -8.80 0.77
CA LEU A 14 4.77 -7.52 1.11
C LEU A 14 5.87 -7.66 2.17
N ALA A 15 5.79 -8.65 3.07
CA ALA A 15 6.86 -8.93 4.05
C ALA A 15 8.15 -9.37 3.36
N THR A 16 8.05 -10.04 2.20
CA THR A 16 9.18 -10.35 1.30
C THR A 16 9.62 -9.17 0.43
N SER A 17 9.00 -7.98 0.58
CA SER A 17 9.32 -6.74 -0.15
C SER A 17 9.96 -5.71 0.78
N SER A 18 11.25 -5.90 1.11
CA SER A 18 12.02 -4.96 1.94
C SER A 18 11.97 -3.50 1.45
N ALA A 19 11.74 -3.27 0.15
CA ALA A 19 11.49 -1.94 -0.40
C ALA A 19 10.20 -1.27 0.13
N ILE A 20 9.11 -2.03 0.35
CA ILE A 20 7.89 -1.55 0.99
C ILE A 20 8.20 -1.16 2.45
N SER A 21 8.84 -2.06 3.21
CA SER A 21 9.20 -1.80 4.61
C SER A 21 10.15 -0.60 4.76
N ARG A 22 11.15 -0.45 3.88
CA ARG A 22 12.00 0.74 3.84
C ARG A 22 11.24 2.00 3.46
N ALA A 23 10.34 1.96 2.47
CA ALA A 23 9.55 3.14 2.13
C ALA A 23 8.73 3.65 3.33
N PHE A 24 8.19 2.76 4.17
CA PHE A 24 7.50 3.10 5.41
C PHE A 24 8.42 3.52 6.58
N ALA A 25 9.65 2.99 6.67
CA ALA A 25 10.63 3.42 7.67
C ALA A 25 11.32 4.75 7.31
N SER A 26 11.45 5.06 6.01
CA SER A 26 11.99 6.34 5.49
C SER A 26 11.07 7.54 5.79
N VAL A 27 9.75 7.33 5.81
CA VAL A 27 8.77 8.37 6.18
C VAL A 27 8.55 8.43 7.70
N SER A 28 8.82 9.60 8.29
CA SER A 28 8.72 9.89 9.73
C SER A 28 7.81 11.10 10.01
N SER A 29 6.83 11.30 9.12
CA SER A 29 5.77 12.31 9.21
C SER A 29 4.47 11.74 8.63
N ALA A 30 3.34 11.99 9.27
CA ALA A 30 2.03 11.49 8.83
C ALA A 30 1.65 12.01 7.42
N SER A 31 2.00 13.25 7.07
CA SER A 31 1.86 13.80 5.71
C SER A 31 2.79 13.15 4.68
N ALA A 32 4.05 12.87 5.04
CA ALA A 32 4.98 12.17 4.15
C ALA A 32 4.52 10.73 3.90
N ALA A 33 4.10 10.02 4.95
CA ALA A 33 3.58 8.66 4.87
C ALA A 33 2.22 8.59 4.14
N SER A 34 1.34 9.58 4.36
CA SER A 34 0.14 9.83 3.54
C SER A 34 0.50 9.94 2.07
N SER A 35 1.42 10.83 1.69
CA SER A 35 1.91 10.98 0.30
C SER A 35 2.63 9.73 -0.24
N LEU A 36 3.25 8.92 0.62
CA LEU A 36 3.88 7.65 0.27
C LEU A 36 2.81 6.62 -0.11
N ALA A 37 1.83 6.37 0.75
CA ALA A 37 0.68 5.51 0.44
C ALA A 37 -0.18 6.08 -0.70
N TYR A 38 -0.18 7.40 -0.90
CA TYR A 38 -0.76 8.05 -2.08
C TYR A 38 0.02 7.66 -3.33
N ASN A 39 1.35 7.81 -3.39
CA ASN A 39 2.15 7.41 -4.57
C ASN A 39 2.14 5.89 -4.83
N ILE A 40 2.30 5.07 -3.78
CA ILE A 40 2.20 3.61 -3.86
C ILE A 40 0.81 3.17 -4.34
N GLY A 41 -0.24 3.75 -3.74
CA GLY A 41 -1.62 3.51 -4.12
C GLY A 41 -1.97 4.02 -5.51
N LEU A 42 -1.44 5.17 -5.94
CA LEU A 42 -1.61 5.72 -7.29
C LEU A 42 -0.99 4.82 -8.35
N SER A 43 0.22 4.28 -8.13
CA SER A 43 0.87 3.42 -9.13
C SER A 43 0.18 2.05 -9.24
N ALA A 44 -0.33 1.50 -8.14
CA ALA A 44 -1.24 0.36 -8.17
C ALA A 44 -2.55 0.71 -8.89
N ALA A 45 -3.21 1.81 -8.52
CA ALA A 45 -4.47 2.26 -9.10
C ALA A 45 -4.39 2.50 -10.62
N ARG A 46 -3.35 3.20 -11.10
CA ARG A 46 -3.17 3.50 -12.55
C ARG A 46 -2.86 2.23 -13.36
N SER A 47 -2.06 1.31 -12.81
CA SER A 47 -1.75 0.01 -13.42
C SER A 47 -2.96 -0.94 -13.46
N LEU A 48 -3.89 -0.79 -12.51
CA LEU A 48 -5.19 -1.49 -12.48
C LEU A 48 -6.33 -0.72 -13.22
N GLY A 49 -6.04 0.49 -13.73
CA GLY A 49 -6.98 1.33 -14.48
C GLY A 49 -8.19 1.86 -13.69
N ILE A 50 -8.04 2.09 -12.37
CA ILE A 50 -9.09 2.59 -11.47
C ILE A 50 -9.65 3.95 -11.97
N ALA A 51 -10.98 4.10 -11.97
CA ALA A 51 -11.72 5.27 -12.49
C ALA A 51 -11.72 6.51 -11.55
N SER A 52 -10.82 6.53 -10.56
CA SER A 52 -10.64 7.52 -9.49
C SER A 52 -9.37 7.17 -8.70
N ASP A 53 -8.19 7.24 -9.34
CA ASP A 53 -6.91 6.88 -8.69
C ASP A 53 -6.71 7.68 -7.39
N THR A 54 -7.08 8.96 -7.42
CA THR A 54 -7.12 9.89 -6.27
C THR A 54 -7.96 9.39 -5.08
N ALA A 55 -9.06 8.66 -5.31
CA ALA A 55 -9.88 8.10 -4.23
C ALA A 55 -9.26 6.84 -3.62
N LEU A 56 -8.69 5.94 -4.44
CA LEU A 56 -7.99 4.75 -3.95
C LEU A 56 -6.74 5.18 -3.15
N ALA A 57 -5.86 5.96 -3.78
CA ALA A 57 -4.66 6.52 -3.19
C ALA A 57 -4.96 7.40 -1.96
N GLY A 58 -6.03 8.18 -1.97
CA GLY A 58 -6.46 9.03 -0.86
C GLY A 58 -6.99 8.23 0.33
N ALA A 59 -7.78 7.18 0.10
CA ALA A 59 -8.21 6.26 1.17
C ALA A 59 -7.03 5.47 1.76
N LEU A 60 -6.06 5.05 0.94
CA LEU A 60 -4.80 4.45 1.39
C LEU A 60 -3.92 5.43 2.19
N ALA A 61 -3.86 6.70 1.77
CA ALA A 61 -3.20 7.78 2.49
C ALA A 61 -3.85 8.06 3.87
N GLN A 62 -5.19 8.08 3.93
CA GLN A 62 -5.96 8.16 5.18
C GLN A 62 -5.72 6.97 6.10
N ALA A 63 -5.56 5.76 5.56
CA ALA A 63 -5.25 4.55 6.34
C ALA A 63 -3.88 4.63 7.01
N VAL A 64 -2.82 4.99 6.26
CA VAL A 64 -1.47 5.22 6.81
C VAL A 64 -1.44 6.37 7.82
N GLY A 65 -2.08 7.50 7.51
CA GLY A 65 -2.28 8.63 8.43
C GLY A 65 -3.11 8.27 9.68
N GLY A 66 -3.82 7.14 9.67
CA GLY A 66 -4.61 6.62 10.77
C GLY A 66 -3.78 5.89 11.84
N VAL A 67 -2.67 5.25 11.46
CA VAL A 67 -1.72 4.62 12.41
C VAL A 67 -0.86 5.70 13.10
N GLY A 68 -0.24 6.60 12.33
CA GLY A 68 0.62 7.68 12.84
C GLY A 68 1.97 7.80 12.12
N ALA A 69 2.96 8.44 12.74
CA ALA A 69 4.35 8.52 12.27
C ALA A 69 5.31 7.75 13.21
N GLY A 70 6.34 7.12 12.64
CA GLY A 70 7.32 6.30 13.38
C GLY A 70 6.81 4.92 13.82
N ALA A 71 5.68 4.45 13.27
CA ALA A 71 5.15 3.10 13.52
C ALA A 71 5.99 2.00 12.83
N SER A 72 5.66 0.72 13.09
CA SER A 72 6.28 -0.41 12.38
C SER A 72 5.91 -0.41 10.89
N ALA A 73 6.84 -0.84 10.03
CA ALA A 73 6.57 -1.13 8.62
C ALA A 73 5.33 -2.03 8.43
N SER A 74 5.20 -3.07 9.25
CA SER A 74 4.05 -3.98 9.22
C SER A 74 2.73 -3.30 9.59
N ALA A 75 2.74 -2.25 10.42
CA ALA A 75 1.53 -1.50 10.77
C ALA A 75 1.02 -0.63 9.61
N TYR A 76 1.91 0.10 8.92
CA TYR A 76 1.58 0.82 7.68
C TYR A 76 1.10 -0.14 6.58
N ALA A 77 1.82 -1.25 6.43
CA ALA A 77 1.49 -2.27 5.46
C ALA A 77 0.13 -2.92 5.75
N ASN A 78 -0.20 -3.20 7.01
CA ASN A 78 -1.50 -3.72 7.39
C ASN A 78 -2.60 -2.67 7.18
N ALA A 79 -2.35 -1.39 7.47
CA ALA A 79 -3.28 -0.30 7.15
C ALA A 79 -3.59 -0.24 5.64
N ILE A 80 -2.58 -0.35 4.76
CA ILE A 80 -2.75 -0.35 3.30
C ILE A 80 -3.38 -1.66 2.80
N ALA A 81 -2.91 -2.82 3.25
CA ALA A 81 -3.44 -4.13 2.85
C ALA A 81 -4.89 -4.32 3.31
N ARG A 82 -5.26 -3.85 4.50
CA ARG A 82 -6.67 -3.79 4.93
C ARG A 82 -7.46 -2.72 4.21
N ALA A 83 -6.95 -1.51 3.97
CA ALA A 83 -7.69 -0.49 3.24
C ALA A 83 -7.94 -0.88 1.77
N ALA A 84 -6.93 -1.39 1.06
CA ALA A 84 -7.07 -1.99 -0.27
C ALA A 84 -7.98 -3.24 -0.24
N GLY A 85 -7.82 -4.12 0.75
CA GLY A 85 -8.63 -5.32 0.91
C GLY A 85 -10.11 -5.03 1.17
N GLN A 86 -10.41 -4.10 2.07
CA GLN A 86 -11.76 -3.57 2.32
C GLN A 86 -12.32 -2.87 1.08
N PHE A 87 -11.50 -2.12 0.33
CA PHE A 87 -11.92 -1.51 -0.93
C PHE A 87 -12.31 -2.59 -1.97
N LEU A 88 -11.47 -3.61 -2.17
CA LEU A 88 -11.79 -4.74 -3.06
C LEU A 88 -12.93 -5.65 -2.51
N ALA A 89 -13.18 -5.65 -1.20
CA ALA A 89 -14.37 -6.26 -0.60
C ALA A 89 -15.65 -5.50 -0.99
N THR A 90 -15.68 -4.16 -0.83
CA THR A 90 -16.85 -3.32 -1.17
C THR A 90 -17.08 -3.19 -2.68
N GLN A 91 -16.02 -3.26 -3.51
CA GLN A 91 -16.13 -3.41 -4.97
C GLN A 91 -16.57 -4.82 -5.43
N GLY A 92 -16.62 -5.82 -4.53
CA GLY A 92 -16.93 -7.22 -4.87
C GLY A 92 -15.87 -7.91 -5.73
N VAL A 93 -14.64 -7.39 -5.75
CA VAL A 93 -13.47 -8.02 -6.41
C VAL A 93 -12.95 -9.23 -5.62
N LEU A 94 -13.16 -9.26 -4.30
CA LEU A 94 -12.90 -10.45 -3.49
C LEU A 94 -13.99 -11.53 -3.69
N ASN A 95 -13.57 -12.75 -4.01
CA ASN A 95 -14.40 -13.94 -4.24
C ASN A 95 -13.70 -15.16 -3.66
N ALA A 96 -14.43 -16.13 -3.07
CA ALA A 96 -13.83 -17.36 -2.51
C ALA A 96 -12.99 -18.20 -3.51
N VAL A 97 -13.14 -17.94 -4.82
CA VAL A 97 -12.28 -18.43 -5.91
C VAL A 97 -10.79 -18.19 -5.61
N ASN A 98 -10.43 -16.99 -5.15
CA ASN A 98 -9.04 -16.57 -4.90
C ASN A 98 -8.88 -15.28 -4.04
N ALA A 99 -9.83 -14.93 -3.17
CA ALA A 99 -9.77 -13.74 -2.31
C ALA A 99 -8.45 -13.62 -1.52
N SER A 100 -7.90 -14.76 -1.06
CA SER A 100 -6.55 -14.83 -0.50
C SER A 100 -5.51 -14.46 -1.56
N SER A 101 -5.39 -15.23 -2.65
CA SER A 101 -4.35 -15.04 -3.68
C SER A 101 -4.38 -13.67 -4.38
N LEU A 102 -5.55 -13.03 -4.51
CA LEU A 102 -5.67 -11.63 -4.97
C LEU A 102 -4.98 -10.61 -4.04
N GLY A 103 -4.80 -10.96 -2.75
CA GLY A 103 -3.96 -10.20 -1.82
C GLY A 103 -2.50 -10.14 -2.26
N SER A 104 -1.97 -11.26 -2.75
CA SER A 104 -0.67 -11.29 -3.43
C SER A 104 -0.67 -10.42 -4.69
N ALA A 105 -1.72 -10.49 -5.53
CA ALA A 105 -1.83 -9.67 -6.74
C ALA A 105 -1.77 -8.15 -6.47
N LEU A 106 -2.52 -7.66 -5.47
CA LEU A 106 -2.46 -6.25 -5.06
C LEU A 106 -1.12 -5.91 -4.38
N ALA A 107 -0.62 -6.75 -3.47
CA ALA A 107 0.71 -6.55 -2.85
C ALA A 107 1.86 -6.53 -3.88
N ASN A 108 1.77 -7.30 -4.97
CA ASN A 108 2.71 -7.24 -6.09
C ASN A 108 2.60 -5.91 -6.85
N ALA A 109 1.39 -5.38 -7.04
CA ALA A 109 1.18 -4.02 -7.55
C ALA A 109 1.86 -2.98 -6.65
N LEU A 110 1.57 -2.97 -5.33
CA LEU A 110 2.21 -2.07 -4.36
C LEU A 110 3.73 -2.25 -4.27
N SER A 111 4.25 -3.46 -4.49
CA SER A 111 5.69 -3.74 -4.54
C SER A 111 6.37 -3.12 -5.76
N ASP A 112 5.76 -3.25 -6.95
CA ASP A 112 6.17 -2.47 -8.13
C ASP A 112 6.09 -0.97 -7.86
N SER A 113 5.03 -0.49 -7.18
CA SER A 113 4.90 0.92 -6.79
C SER A 113 5.99 1.39 -5.84
N ALA A 114 6.38 0.60 -4.84
CA ALA A 114 7.42 0.94 -3.86
C ALA A 114 8.83 0.92 -4.47
N ALA A 115 9.12 -0.08 -5.31
CA ALA A 115 10.36 -0.15 -6.10
C ALA A 115 10.47 1.05 -7.06
N ASN A 116 9.36 1.46 -7.68
CA ASN A 116 9.29 2.70 -8.48
C ASN A 116 9.39 3.98 -7.63
N SER A 117 8.82 4.01 -6.43
CA SER A 117 8.98 5.13 -5.49
C SER A 117 10.46 5.39 -5.18
N ALA A 118 11.23 4.33 -4.91
CA ALA A 118 12.69 4.38 -4.79
C ALA A 118 13.45 4.82 -6.07
N VAL A 119 12.80 4.87 -7.24
CA VAL A 119 13.36 5.39 -8.51
C VAL A 119 13.15 6.90 -8.67
N SER A 120 12.14 7.48 -8.00
CA SER A 120 11.82 8.93 -8.02
C SER A 120 12.88 9.81 -7.33
N GLY A 121 13.77 9.24 -6.50
CA GLY A 121 14.79 9.95 -5.72
C GLY A 121 14.25 10.73 -4.51
N ASN A 122 13.01 11.22 -4.61
CA ASN A 122 12.24 11.76 -3.50
C ASN A 122 12.03 10.76 -2.34
N TYR A 123 12.26 9.45 -2.56
CA TYR A 123 12.23 8.41 -1.52
C TYR A 123 13.16 8.68 -0.33
N LEU A 124 14.33 9.30 -0.57
CA LEU A 124 15.32 9.64 0.46
C LEU A 124 15.22 11.11 0.93
N GLY A 125 14.17 11.84 0.52
CA GLY A 125 14.02 13.26 0.80
C GLY A 125 15.10 14.13 0.11
N VAL A 126 15.21 13.98 -1.21
CA VAL A 126 16.19 14.69 -2.08
C VAL A 126 16.29 16.20 -1.77
N SER A 127 17.50 16.76 -1.90
CA SER A 127 17.89 18.12 -1.42
C SER A 127 17.71 18.29 0.11
N GLN A 128 18.50 17.55 0.90
CA GLN A 128 18.45 17.53 2.37
C GLN A 128 19.41 18.57 3.03
N ASN A 129 19.51 19.78 2.48
CA ASN A 129 20.38 20.87 2.98
C ASN A 129 19.72 22.25 2.89
N SER A 1 -11.90 -16.15 6.02
CA SER A 1 -12.46 -14.94 5.39
C SER A 1 -11.95 -14.73 3.95
N TYR A 2 -11.94 -13.49 3.46
CA TYR A 2 -11.52 -13.10 2.11
C TYR A 2 -10.60 -11.87 2.18
N SER A 3 -11.01 -10.82 2.89
CA SER A 3 -10.19 -9.63 3.17
C SER A 3 -8.98 -9.93 4.04
N SER A 4 -9.13 -10.79 5.05
CA SER A 4 -8.01 -11.27 5.89
C SER A 4 -7.02 -12.11 5.09
N ALA A 5 -7.51 -12.90 4.13
CA ALA A 5 -6.67 -13.71 3.25
C ALA A 5 -5.87 -12.85 2.26
N PHE A 6 -6.53 -11.84 1.66
CA PHE A 6 -5.88 -10.79 0.85
C PHE A 6 -4.80 -10.07 1.66
N ALA A 7 -5.14 -9.65 2.89
CA ALA A 7 -4.17 -9.05 3.81
C ALA A 7 -3.04 -10.01 4.22
N GLN A 8 -3.27 -11.32 4.33
CA GLN A 8 -2.20 -12.30 4.63
C GLN A 8 -1.12 -12.32 3.55
N ALA A 9 -1.49 -12.50 2.27
CA ALA A 9 -0.51 -12.51 1.18
C ALA A 9 0.11 -11.12 0.96
N ALA A 10 -0.72 -10.07 1.02
CA ALA A 10 -0.23 -8.70 0.90
C ALA A 10 0.79 -8.36 2.00
N SER A 11 0.47 -8.61 3.27
CA SER A 11 1.41 -8.47 4.39
C SER A 11 2.61 -9.42 4.29
N SER A 12 2.48 -10.64 3.76
CA SER A 12 3.63 -11.52 3.48
C SER A 12 4.64 -10.86 2.52
N SER A 13 4.17 -10.26 1.43
CA SER A 13 5.04 -9.52 0.51
C SER A 13 5.53 -8.20 1.14
N LEU A 14 4.64 -7.37 1.67
CA LEU A 14 4.97 -6.06 2.25
C LEU A 14 5.91 -6.15 3.46
N ALA A 15 5.85 -7.21 4.27
CA ALA A 15 6.78 -7.50 5.37
C ALA A 15 8.17 -7.97 4.88
N THR A 16 8.26 -8.57 3.67
CA THR A 16 9.53 -8.95 3.03
C THR A 16 10.12 -7.80 2.20
N SER A 17 9.30 -6.83 1.82
CA SER A 17 9.66 -5.64 1.03
C SER A 17 10.12 -4.48 1.92
N SER A 18 11.37 -4.50 2.37
CA SER A 18 11.98 -3.42 3.18
C SER A 18 11.88 -2.03 2.52
N ALA A 19 11.82 -1.93 1.19
CA ALA A 19 11.56 -0.69 0.46
C ALA A 19 10.26 0.03 0.88
N ILE A 20 9.26 -0.70 1.37
CA ILE A 20 8.00 -0.16 1.91
C ILE A 20 8.23 0.48 3.28
N SER A 21 8.98 -0.22 4.14
CA SER A 21 9.43 0.32 5.43
C SER A 21 10.23 1.61 5.24
N ARG A 22 11.13 1.61 4.27
CA ARG A 22 11.94 2.79 3.88
C ARG A 22 11.07 3.95 3.37
N ALA A 23 10.09 3.70 2.52
CA ALA A 23 9.13 4.72 2.07
C ALA A 23 8.34 5.35 3.22
N PHE A 24 7.85 4.54 4.17
CA PHE A 24 7.13 5.03 5.35
C PHE A 24 8.02 5.59 6.48
N ALA A 25 9.30 5.21 6.54
CA ALA A 25 10.28 5.74 7.49
C ALA A 25 10.96 7.04 6.99
N SER A 26 10.98 7.27 5.67
CA SER A 26 11.37 8.55 5.06
C SER A 26 10.51 9.70 5.59
N VAL A 27 9.20 9.49 5.68
CA VAL A 27 8.24 10.47 6.18
C VAL A 27 8.14 10.45 7.71
N SER A 28 7.95 11.63 8.31
CA SER A 28 7.82 11.85 9.76
C SER A 28 6.51 12.58 10.13
N SER A 29 5.54 12.58 9.21
CA SER A 29 4.23 13.23 9.37
C SER A 29 3.13 12.34 8.82
N ALA A 30 1.99 12.29 9.51
CA ALA A 30 0.87 11.43 9.12
C ALA A 30 0.31 11.84 7.76
N SER A 31 0.15 13.16 7.52
CA SER A 31 -0.21 13.70 6.20
C SER A 31 0.79 13.37 5.10
N ALA A 32 2.10 13.35 5.39
CA ALA A 32 3.11 12.95 4.41
C ALA A 32 2.99 11.47 4.02
N ALA A 33 2.76 10.58 5.00
CA ALA A 33 2.47 9.17 4.76
C ALA A 33 1.14 8.98 4.00
N SER A 34 0.08 9.71 4.37
CA SER A 34 -1.21 9.74 3.67
C SER A 34 -1.05 10.14 2.20
N SER A 35 -0.33 11.23 1.92
CA SER A 35 -0.01 11.67 0.55
C SER A 35 0.90 10.70 -0.21
N LEU A 36 1.80 9.98 0.47
CA LEU A 36 2.57 8.90 -0.17
C LEU A 36 1.65 7.75 -0.59
N ALA A 37 0.82 7.24 0.32
CA ALA A 37 -0.19 6.23 0.05
C ALA A 37 -1.19 6.68 -1.04
N TYR A 38 -1.48 7.98 -1.10
CA TYR A 38 -2.28 8.57 -2.17
C TYR A 38 -1.55 8.54 -3.52
N ASN A 39 -0.31 9.02 -3.59
CA ASN A 39 0.53 9.01 -4.80
C ASN A 39 0.75 7.59 -5.36
N ILE A 40 1.21 6.66 -4.52
CA ILE A 40 1.47 5.27 -4.93
C ILE A 40 0.16 4.51 -5.21
N GLY A 41 -0.91 4.83 -4.48
CA GLY A 41 -2.25 4.30 -4.69
C GLY A 41 -2.86 4.75 -6.02
N LEU A 42 -2.68 6.01 -6.42
CA LEU A 42 -3.05 6.52 -7.75
C LEU A 42 -2.33 5.78 -8.88
N SER A 43 -1.03 5.50 -8.73
CA SER A 43 -0.27 4.73 -9.72
C SER A 43 -0.79 3.28 -9.85
N ALA A 44 -0.95 2.58 -8.71
CA ALA A 44 -1.54 1.24 -8.69
C ALA A 44 -2.97 1.22 -9.24
N ALA A 45 -3.80 2.18 -8.87
CA ALA A 45 -5.18 2.31 -9.33
C ALA A 45 -5.28 2.61 -10.84
N ARG A 46 -4.40 3.45 -11.41
CA ARG A 46 -4.27 3.67 -12.86
C ARG A 46 -3.85 2.38 -13.59
N SER A 47 -2.88 1.64 -13.05
CA SER A 47 -2.47 0.32 -13.58
C SER A 47 -3.57 -0.75 -13.50
N LEU A 48 -4.47 -0.66 -12.51
CA LEU A 48 -5.63 -1.54 -12.32
C LEU A 48 -6.93 -0.99 -12.96
N GLY A 49 -6.85 0.13 -13.69
CA GLY A 49 -7.97 0.76 -14.41
C GLY A 49 -9.16 1.17 -13.53
N ILE A 50 -8.92 1.51 -12.25
CA ILE A 50 -9.94 1.86 -11.25
C ILE A 50 -10.76 3.09 -11.68
N ALA A 51 -12.08 3.02 -11.51
CA ALA A 51 -13.04 4.04 -11.93
C ALA A 51 -13.15 5.28 -10.98
N SER A 52 -12.21 5.41 -10.04
CA SER A 52 -12.10 6.42 -8.97
C SER A 52 -10.78 6.21 -8.23
N ASP A 53 -9.64 6.47 -8.88
CA ASP A 53 -8.30 6.32 -8.28
C ASP A 53 -8.22 7.07 -6.93
N THR A 54 -8.79 8.27 -6.92
CA THR A 54 -8.92 9.20 -5.79
C THR A 54 -9.71 8.63 -4.60
N ALA A 55 -10.66 7.72 -4.81
CA ALA A 55 -11.41 7.06 -3.74
C ALA A 55 -10.67 5.82 -3.21
N LEU A 56 -10.07 5.02 -4.11
CA LEU A 56 -9.24 3.87 -3.76
C LEU A 56 -8.07 4.33 -2.89
N ALA A 57 -7.28 5.26 -3.41
CA ALA A 57 -6.13 5.86 -2.76
C ALA A 57 -6.52 6.77 -1.57
N GLY A 58 -7.72 7.37 -1.59
CA GLY A 58 -8.29 8.10 -0.46
C GLY A 58 -8.55 7.21 0.76
N ALA A 59 -9.07 5.99 0.54
CA ALA A 59 -9.18 4.98 1.59
C ALA A 59 -7.80 4.56 2.11
N LEU A 60 -6.78 4.41 1.25
CA LEU A 60 -5.40 4.10 1.66
C LEU A 60 -4.75 5.23 2.46
N ALA A 61 -4.98 6.49 2.05
CA ALA A 61 -4.54 7.67 2.77
C ALA A 61 -5.17 7.73 4.19
N GLN A 62 -6.48 7.54 4.31
CA GLN A 62 -7.17 7.48 5.60
C GLN A 62 -6.77 6.26 6.45
N ALA A 63 -6.38 5.13 5.83
CA ALA A 63 -5.84 3.97 6.54
C ALA A 63 -4.45 4.24 7.14
N VAL A 64 -3.54 4.81 6.34
CA VAL A 64 -2.17 5.19 6.76
C VAL A 64 -2.19 6.30 7.81
N GLY A 65 -2.92 7.39 7.57
CA GLY A 65 -3.15 8.46 8.54
C GLY A 65 -3.96 8.03 9.76
N GLY A 66 -4.70 6.92 9.65
CA GLY A 66 -5.51 6.33 10.72
C GLY A 66 -4.68 5.76 11.88
N VAL A 67 -3.53 5.14 11.58
CA VAL A 67 -2.57 4.69 12.61
C VAL A 67 -1.76 5.89 13.16
N GLY A 68 -1.22 6.73 12.27
CA GLY A 68 -0.43 7.93 12.61
C GLY A 68 1.01 7.90 12.11
N ALA A 69 1.79 8.96 12.36
CA ALA A 69 3.22 9.01 12.04
C ALA A 69 4.07 8.12 12.98
N GLY A 70 5.25 7.70 12.51
CA GLY A 70 6.20 6.89 13.28
C GLY A 70 5.75 5.45 13.59
N ALA A 71 4.65 5.00 12.99
CA ALA A 71 4.17 3.62 13.08
C ALA A 71 5.12 2.63 12.36
N SER A 72 4.95 1.34 12.61
CA SER A 72 5.70 0.29 11.90
C SER A 72 5.31 0.22 10.43
N ALA A 73 6.24 -0.21 9.58
CA ALA A 73 5.96 -0.58 8.19
C ALA A 73 4.85 -1.63 8.09
N SER A 74 4.85 -2.63 8.99
CA SER A 74 3.80 -3.63 9.08
C SER A 74 2.44 -3.01 9.41
N ALA A 75 2.39 -1.96 10.26
CA ALA A 75 1.13 -1.27 10.57
C ALA A 75 0.59 -0.49 9.35
N TYR A 76 1.43 0.27 8.63
CA TYR A 76 1.02 0.96 7.40
C TYR A 76 0.64 -0.02 6.28
N ALA A 77 1.46 -1.03 6.05
CA ALA A 77 1.24 -2.07 5.06
C ALA A 77 -0.01 -2.90 5.36
N ASN A 78 -0.24 -3.30 6.62
CA ASN A 78 -1.48 -3.95 7.04
C ASN A 78 -2.68 -3.03 6.90
N ALA A 79 -2.58 -1.75 7.29
CA ALA A 79 -3.67 -0.79 7.13
C ALA A 79 -4.04 -0.61 5.65
N ILE A 80 -3.06 -0.51 4.76
CA ILE A 80 -3.26 -0.52 3.30
C ILE A 80 -3.82 -1.85 2.81
N ALA A 81 -3.24 -2.98 3.20
CA ALA A 81 -3.67 -4.31 2.77
C ALA A 81 -5.07 -4.69 3.25
N ARG A 82 -5.50 -4.18 4.41
CA ARG A 82 -6.87 -4.28 4.94
C ARG A 82 -7.80 -3.25 4.32
N ALA A 83 -7.35 -2.02 4.05
CA ALA A 83 -8.17 -1.02 3.35
C ALA A 83 -8.41 -1.42 1.89
N ALA A 84 -7.36 -1.71 1.13
CA ALA A 84 -7.43 -2.30 -0.20
C ALA A 84 -8.15 -3.65 -0.19
N GLY A 85 -7.85 -4.53 0.78
CA GLY A 85 -8.49 -5.84 0.91
C GLY A 85 -9.99 -5.74 1.15
N GLN A 86 -10.43 -4.95 2.14
CA GLN A 86 -11.85 -4.70 2.38
C GLN A 86 -12.51 -3.98 1.19
N PHE A 87 -11.88 -2.97 0.58
CA PHE A 87 -12.43 -2.26 -0.58
C PHE A 87 -12.61 -3.21 -1.78
N LEU A 88 -11.57 -3.96 -2.17
CA LEU A 88 -11.64 -4.91 -3.27
C LEU A 88 -12.54 -6.12 -2.95
N ALA A 89 -12.71 -6.49 -1.68
CA ALA A 89 -13.72 -7.46 -1.24
C ALA A 89 -15.16 -6.94 -1.41
N THR A 90 -15.45 -5.70 -0.97
CA THR A 90 -16.79 -5.10 -1.14
C THR A 90 -17.12 -4.77 -2.60
N GLN A 91 -16.11 -4.49 -3.44
CA GLN A 91 -16.26 -4.40 -4.90
C GLN A 91 -16.37 -5.78 -5.59
N GLY A 92 -16.12 -6.89 -4.89
CA GLY A 92 -16.07 -8.25 -5.47
C GLY A 92 -14.97 -8.45 -6.53
N VAL A 93 -13.93 -7.63 -6.50
CA VAL A 93 -12.73 -7.76 -7.35
C VAL A 93 -11.94 -9.02 -7.00
N LEU A 94 -11.87 -9.36 -5.70
CA LEU A 94 -11.34 -10.62 -5.20
C LEU A 94 -12.46 -11.65 -4.96
N ASN A 95 -12.10 -12.95 -5.00
CA ASN A 95 -13.01 -14.09 -4.79
C ASN A 95 -12.21 -15.24 -4.14
N ALA A 96 -12.84 -16.13 -3.39
CA ALA A 96 -12.17 -17.27 -2.70
C ALA A 96 -11.30 -18.17 -3.61
N VAL A 97 -11.53 -18.12 -4.93
CA VAL A 97 -10.69 -18.68 -6.00
C VAL A 97 -9.20 -18.38 -5.79
N ASN A 98 -8.86 -17.12 -5.49
CA ASN A 98 -7.49 -16.63 -5.31
C ASN A 98 -7.41 -15.30 -4.51
N ALA A 99 -8.40 -14.97 -3.66
CA ALA A 99 -8.43 -13.74 -2.87
C ALA A 99 -7.15 -13.54 -2.05
N SER A 100 -6.60 -14.62 -1.47
CA SER A 100 -5.30 -14.56 -0.82
C SER A 100 -4.20 -14.22 -1.83
N SER A 101 -4.02 -15.03 -2.87
CA SER A 101 -2.99 -14.83 -3.91
C SER A 101 -3.04 -13.45 -4.61
N LEU A 102 -4.21 -12.87 -4.84
CA LEU A 102 -4.38 -11.51 -5.37
C LEU A 102 -3.95 -10.41 -4.39
N GLY A 103 -3.93 -10.70 -3.09
CA GLY A 103 -3.29 -9.85 -2.08
C GLY A 103 -1.80 -9.63 -2.38
N SER A 104 -1.07 -10.70 -2.70
CA SER A 104 0.31 -10.61 -3.21
C SER A 104 0.39 -9.88 -4.55
N ALA A 105 -0.57 -10.06 -5.47
CA ALA A 105 -0.57 -9.36 -6.76
C ALA A 105 -0.71 -7.82 -6.61
N LEU A 106 -1.64 -7.33 -5.78
CA LEU A 106 -1.74 -5.90 -5.43
C LEU A 106 -0.52 -5.43 -4.61
N ALA A 107 -0.04 -6.24 -3.66
CA ALA A 107 1.13 -5.87 -2.88
C ALA A 107 2.39 -5.74 -3.75
N ASN A 108 2.54 -6.54 -4.80
CA ASN A 108 3.58 -6.37 -5.81
C ASN A 108 3.38 -5.08 -6.62
N ALA A 109 2.14 -4.70 -6.96
CA ALA A 109 1.85 -3.43 -7.64
C ALA A 109 2.19 -2.20 -6.78
N LEU A 110 1.80 -2.19 -5.50
CA LEU A 110 2.21 -1.15 -4.55
C LEU A 110 3.71 -1.22 -4.23
N SER A 111 4.30 -2.41 -4.21
CA SER A 111 5.75 -2.58 -4.06
C SER A 111 6.53 -1.98 -5.22
N ASP A 112 6.13 -2.21 -6.47
CA ASP A 112 6.70 -1.52 -7.63
C ASP A 112 6.53 0.01 -7.56
N SER A 113 5.44 0.49 -6.98
CA SER A 113 5.12 1.92 -6.88
C SER A 113 5.90 2.66 -5.78
N ALA A 114 6.02 2.04 -4.59
CA ALA A 114 6.93 2.49 -3.53
C ALA A 114 8.40 2.35 -3.94
N ALA A 115 8.77 1.20 -4.55
CA ALA A 115 10.10 0.97 -5.13
C ALA A 115 10.43 1.97 -6.25
N ASN A 116 9.44 2.52 -6.97
CA ASN A 116 9.65 3.54 -8.00
C ASN A 116 10.22 4.84 -7.41
N SER A 117 9.55 5.41 -6.41
CA SER A 117 10.08 6.58 -5.69
C SER A 117 11.37 6.24 -4.94
N ALA A 118 11.43 5.06 -4.30
CA ALA A 118 12.64 4.56 -3.64
C ALA A 118 13.84 4.35 -4.60
N VAL A 119 13.61 4.11 -5.90
CA VAL A 119 14.67 4.01 -6.92
C VAL A 119 15.39 5.34 -7.16
N SER A 120 14.70 6.47 -6.94
CA SER A 120 15.27 7.82 -7.08
C SER A 120 16.42 8.10 -6.10
N GLY A 121 16.53 7.32 -5.00
CA GLY A 121 17.55 7.45 -3.95
C GLY A 121 17.33 8.63 -3.02
N ASN A 122 17.00 9.80 -3.57
CA ASN A 122 16.48 10.96 -2.83
C ASN A 122 15.10 10.74 -2.15
N TYR A 123 14.53 9.52 -2.22
CA TYR A 123 13.30 9.13 -1.54
C TYR A 123 13.34 9.41 -0.03
N LEU A 124 14.49 9.21 0.63
CA LEU A 124 14.71 9.49 2.06
C LEU A 124 15.05 10.97 2.35
N GLY A 125 14.51 11.87 1.53
CA GLY A 125 14.80 13.31 1.52
C GLY A 125 15.98 13.66 0.62
N VAL A 126 17.10 12.94 0.76
CA VAL A 126 18.32 13.07 -0.07
C VAL A 126 19.20 11.82 0.02
N SER A 127 19.95 11.50 -1.04
CA SER A 127 20.99 10.45 -1.05
C SER A 127 22.00 10.66 -2.19
N GLN A 128 23.11 9.93 -2.15
CA GLN A 128 24.17 9.91 -3.17
C GLN A 128 24.84 8.52 -3.21
N ASN A 129 24.26 7.61 -4.01
CA ASN A 129 24.71 6.22 -4.20
C ASN A 129 24.38 5.66 -5.60
N SER A 1 -16.54 -12.45 1.99
CA SER A 1 -15.26 -11.76 1.80
C SER A 1 -14.22 -12.30 2.78
N TYR A 2 -12.95 -12.34 2.37
CA TYR A 2 -11.83 -12.92 3.12
C TYR A 2 -10.68 -11.90 3.25
N SER A 3 -10.99 -10.73 3.83
CA SER A 3 -10.00 -9.67 4.08
C SER A 3 -8.79 -10.14 4.90
N SER A 4 -8.97 -11.08 5.83
CA SER A 4 -7.87 -11.72 6.59
C SER A 4 -6.93 -12.52 5.69
N ALA A 5 -7.45 -13.25 4.70
CA ALA A 5 -6.65 -14.02 3.75
C ALA A 5 -5.95 -13.12 2.74
N PHE A 6 -6.66 -12.11 2.22
CA PHE A 6 -6.09 -11.05 1.39
C PHE A 6 -4.92 -10.36 2.12
N ALA A 7 -5.12 -9.98 3.38
CA ALA A 7 -4.08 -9.45 4.25
C ALA A 7 -2.98 -10.47 4.59
N GLN A 8 -3.21 -11.79 4.50
CA GLN A 8 -2.14 -12.81 4.68
C GLN A 8 -1.15 -12.76 3.51
N ALA A 9 -1.65 -12.80 2.27
CA ALA A 9 -0.81 -12.80 1.08
C ALA A 9 -0.18 -11.42 0.87
N ALA A 10 -0.95 -10.37 1.15
CA ALA A 10 -0.42 -9.02 1.22
C ALA A 10 0.69 -8.91 2.28
N SER A 11 0.50 -9.37 3.52
CA SER A 11 1.58 -9.43 4.53
C SER A 11 2.79 -10.23 4.07
N SER A 12 2.59 -11.38 3.41
CA SER A 12 3.70 -12.20 2.89
C SER A 12 4.57 -11.42 1.88
N SER A 13 3.95 -10.73 0.92
CA SER A 13 4.65 -9.83 -0.01
C SER A 13 5.19 -8.57 0.68
N LEU A 14 4.39 -7.84 1.45
CA LEU A 14 4.75 -6.57 2.10
C LEU A 14 5.90 -6.72 3.11
N ALA A 15 5.97 -7.83 3.85
CA ALA A 15 7.10 -8.16 4.73
C ALA A 15 8.39 -8.53 3.94
N THR A 16 8.25 -9.02 2.70
CA THR A 16 9.34 -9.26 1.74
C THR A 16 9.78 -7.98 1.02
N SER A 17 8.85 -7.05 0.77
CA SER A 17 9.04 -5.73 0.14
C SER A 17 9.86 -4.79 1.02
N SER A 18 11.17 -5.05 1.13
CA SER A 18 12.12 -4.21 1.87
C SER A 18 12.08 -2.73 1.46
N ALA A 19 11.78 -2.43 0.19
CA ALA A 19 11.51 -1.07 -0.28
C ALA A 19 10.31 -0.39 0.42
N ILE A 20 9.23 -1.14 0.69
CA ILE A 20 8.04 -0.65 1.41
C ILE A 20 8.34 -0.54 2.91
N SER A 21 8.96 -1.56 3.52
CA SER A 21 9.35 -1.49 4.94
C SER A 21 10.33 -0.35 5.24
N ARG A 22 11.33 -0.12 4.37
CA ARG A 22 12.22 1.05 4.48
C ARG A 22 11.54 2.36 4.16
N ALA A 23 10.61 2.44 3.20
CA ALA A 23 9.81 3.64 3.00
C ALA A 23 9.00 4.01 4.26
N PHE A 24 8.34 3.03 4.91
CA PHE A 24 7.64 3.25 6.18
C PHE A 24 8.54 3.60 7.37
N ALA A 25 9.75 3.04 7.46
CA ALA A 25 10.72 3.41 8.49
C ALA A 25 11.43 4.76 8.21
N SER A 26 11.56 5.15 6.95
CA SER A 26 12.13 6.43 6.50
C SER A 26 11.24 7.62 6.86
N VAL A 27 9.91 7.49 6.70
CA VAL A 27 8.95 8.52 7.12
C VAL A 27 8.75 8.54 8.64
N SER A 28 8.61 9.75 9.20
CA SER A 28 8.43 10.00 10.64
C SER A 28 7.20 10.89 10.95
N SER A 29 6.28 10.97 9.98
CA SER A 29 5.03 11.75 10.05
C SER A 29 3.91 10.98 9.34
N ALA A 30 2.71 10.99 9.92
CA ALA A 30 1.53 10.33 9.35
C ALA A 30 1.17 10.87 7.95
N SER A 31 1.35 12.18 7.74
CA SER A 31 1.22 12.82 6.41
C SER A 31 2.34 12.48 5.43
N ALA A 32 3.55 12.15 5.89
CA ALA A 32 4.62 11.69 5.01
C ALA A 32 4.36 10.24 4.55
N ALA A 33 3.91 9.37 5.45
CA ALA A 33 3.40 8.05 5.09
C ALA A 33 2.17 8.13 4.17
N SER A 34 1.20 9.00 4.47
CA SER A 34 0.00 9.16 3.62
C SER A 34 0.36 9.70 2.23
N SER A 35 1.30 10.64 2.14
CA SER A 35 1.84 11.16 0.86
C SER A 35 2.57 10.07 0.06
N LEU A 36 3.43 9.25 0.68
CA LEU A 36 4.07 8.12 -0.02
C LEU A 36 3.02 7.10 -0.49
N ALA A 37 2.08 6.71 0.39
CA ALA A 37 0.99 5.79 0.08
C ALA A 37 0.05 6.34 -1.00
N TYR A 38 -0.14 7.65 -1.08
CA TYR A 38 -0.89 8.31 -2.15
C TYR A 38 -0.10 8.30 -3.47
N ASN A 39 1.20 8.63 -3.47
CA ASN A 39 2.06 8.57 -4.66
C ASN A 39 2.16 7.14 -5.24
N ILE A 40 2.52 6.14 -4.43
CA ILE A 40 2.58 4.74 -4.88
C ILE A 40 1.18 4.18 -5.16
N GLY A 41 0.16 4.65 -4.45
CA GLY A 41 -1.24 4.25 -4.64
C GLY A 41 -1.82 4.75 -5.96
N LEU A 42 -1.50 5.98 -6.38
CA LEU A 42 -1.80 6.52 -7.71
C LEU A 42 -1.15 5.67 -8.81
N SER A 43 0.14 5.35 -8.67
CA SER A 43 0.85 4.50 -9.64
C SER A 43 0.29 3.07 -9.68
N ALA A 44 -0.05 2.47 -8.52
CA ALA A 44 -0.65 1.14 -8.42
C ALA A 44 -2.05 1.13 -9.06
N ALA A 45 -2.89 2.11 -8.71
CA ALA A 45 -4.24 2.28 -9.26
C ALA A 45 -4.23 2.51 -10.79
N ARG A 46 -3.30 3.32 -11.32
CA ARG A 46 -3.09 3.47 -12.78
C ARG A 46 -2.63 2.17 -13.45
N SER A 47 -1.69 1.45 -12.84
CA SER A 47 -1.16 0.17 -13.36
C SER A 47 -2.22 -0.93 -13.39
N LEU A 48 -3.04 -1.02 -12.33
CA LEU A 48 -4.17 -1.96 -12.21
C LEU A 48 -5.40 -1.54 -13.05
N GLY A 49 -5.60 -0.24 -13.31
CA GLY A 49 -6.65 0.30 -14.18
C GLY A 49 -7.90 0.84 -13.46
N ILE A 50 -7.76 1.30 -12.21
CA ILE A 50 -8.85 1.84 -11.39
C ILE A 50 -9.36 3.18 -11.97
N ALA A 51 -10.68 3.32 -12.09
CA ALA A 51 -11.37 4.50 -12.65
C ALA A 51 -11.44 5.74 -11.71
N SER A 52 -10.67 5.73 -10.61
CA SER A 52 -10.70 6.71 -9.52
C SER A 52 -9.45 6.57 -8.63
N ASP A 53 -8.26 6.60 -9.25
CA ASP A 53 -6.97 6.48 -8.57
C ASP A 53 -6.83 7.42 -7.36
N THR A 54 -7.28 8.65 -7.49
CA THR A 54 -7.35 9.66 -6.41
C THR A 54 -8.25 9.26 -5.23
N ALA A 55 -9.31 8.47 -5.46
CA ALA A 55 -10.20 7.99 -4.41
C ALA A 55 -9.69 6.70 -3.75
N LEU A 56 -9.13 5.78 -4.54
CA LEU A 56 -8.49 4.54 -4.05
C LEU A 56 -7.30 4.91 -3.14
N ALA A 57 -6.35 5.67 -3.69
CA ALA A 57 -5.18 6.14 -2.97
C ALA A 57 -5.53 7.14 -1.86
N GLY A 58 -6.63 7.91 -2.01
CA GLY A 58 -7.17 8.79 -0.96
C GLY A 58 -7.63 8.00 0.26
N ALA A 59 -8.39 6.92 0.06
CA ALA A 59 -8.77 5.99 1.14
C ALA A 59 -7.55 5.30 1.76
N LEU A 60 -6.54 4.90 0.96
CA LEU A 60 -5.28 4.37 1.47
C LEU A 60 -4.49 5.41 2.31
N ALA A 61 -4.43 6.66 1.86
CA ALA A 61 -3.81 7.77 2.59
C ALA A 61 -4.48 8.03 3.95
N GLN A 62 -5.82 8.01 4.01
CA GLN A 62 -6.56 8.13 5.26
C GLN A 62 -6.41 6.89 6.17
N ALA A 63 -6.35 5.68 5.61
CA ALA A 63 -6.08 4.44 6.35
C ALA A 63 -4.68 4.45 7.01
N VAL A 64 -3.67 4.89 6.26
CA VAL A 64 -2.30 5.13 6.76
C VAL A 64 -2.29 6.19 7.87
N GLY A 65 -2.94 7.33 7.66
CA GLY A 65 -3.13 8.36 8.69
C GLY A 65 -3.84 7.87 9.96
N GLY A 66 -4.64 6.80 9.86
CA GLY A 66 -5.29 6.13 10.97
C GLY A 66 -4.35 5.34 11.90
N VAL A 67 -3.23 4.81 11.37
CA VAL A 67 -2.19 4.13 12.17
C VAL A 67 -1.27 5.15 12.86
N GLY A 68 -0.76 6.14 12.11
CA GLY A 68 0.19 7.15 12.59
C GLY A 68 1.66 6.70 12.59
N ALA A 69 2.57 7.67 12.66
CA ALA A 69 4.01 7.46 12.54
C ALA A 69 4.69 6.79 13.76
N GLY A 70 5.87 6.22 13.51
CA GLY A 70 6.64 5.43 14.48
C GLY A 70 6.09 4.02 14.73
N ALA A 71 4.88 3.71 14.25
CA ALA A 71 4.32 2.36 14.20
C ALA A 71 5.14 1.43 13.30
N SER A 72 4.97 0.11 13.50
CA SER A 72 5.64 -0.92 12.69
C SER A 72 5.29 -0.81 11.20
N ALA A 73 6.22 -1.20 10.31
CA ALA A 73 5.93 -1.39 8.89
C ALA A 73 4.75 -2.37 8.69
N SER A 74 4.64 -3.42 9.52
CA SER A 74 3.49 -4.33 9.51
C SER A 74 2.16 -3.64 9.84
N ALA A 75 2.14 -2.62 10.71
CA ALA A 75 0.90 -1.89 11.03
C ALA A 75 0.42 -1.04 9.85
N TYR A 76 1.32 -0.27 9.22
CA TYR A 76 1.00 0.48 8.00
C TYR A 76 0.64 -0.43 6.83
N ALA A 77 1.45 -1.46 6.56
CA ALA A 77 1.23 -2.43 5.50
C ALA A 77 -0.09 -3.18 5.68
N ASN A 78 -0.42 -3.60 6.92
CA ASN A 78 -1.72 -4.18 7.26
C ASN A 78 -2.85 -3.19 7.04
N ALA A 79 -2.74 -1.93 7.49
CA ALA A 79 -3.80 -0.93 7.28
C ALA A 79 -4.07 -0.64 5.79
N ILE A 80 -3.04 -0.60 4.96
CA ILE A 80 -3.19 -0.50 3.49
C ILE A 80 -3.79 -1.77 2.91
N ALA A 81 -3.33 -2.96 3.31
CA ALA A 81 -3.90 -4.24 2.89
C ALA A 81 -5.37 -4.40 3.32
N ARG A 82 -5.74 -3.89 4.50
CA ARG A 82 -7.13 -3.75 4.98
C ARG A 82 -7.92 -2.74 4.14
N ALA A 83 -7.35 -1.59 3.79
CA ALA A 83 -8.09 -0.54 3.08
C ALA A 83 -8.26 -0.82 1.58
N ALA A 84 -7.27 -1.46 0.95
CA ALA A 84 -7.41 -2.09 -0.36
C ALA A 84 -8.37 -3.31 -0.28
N GLY A 85 -8.17 -4.18 0.71
CA GLY A 85 -8.97 -5.39 0.93
C GLY A 85 -10.45 -5.09 1.19
N GLN A 86 -10.79 -4.16 2.07
CA GLN A 86 -12.17 -3.74 2.34
C GLN A 86 -12.83 -3.10 1.10
N PHE A 87 -12.06 -2.38 0.29
CA PHE A 87 -12.55 -1.81 -0.98
C PHE A 87 -12.90 -2.94 -1.96
N LEU A 88 -12.01 -3.91 -2.14
CA LEU A 88 -12.29 -5.10 -2.95
C LEU A 88 -13.37 -6.01 -2.32
N ALA A 89 -13.58 -5.97 -1.00
CA ALA A 89 -14.69 -6.62 -0.32
C ALA A 89 -16.04 -5.98 -0.69
N THR A 90 -16.16 -4.65 -0.59
CA THR A 90 -17.40 -3.92 -0.91
C THR A 90 -17.71 -3.88 -2.41
N GLN A 91 -16.69 -3.96 -3.28
CA GLN A 91 -16.86 -4.18 -4.73
C GLN A 91 -17.18 -5.65 -5.11
N GLY A 92 -17.18 -6.60 -4.16
CA GLY A 92 -17.42 -8.02 -4.42
C GLY A 92 -16.33 -8.72 -5.24
N VAL A 93 -15.09 -8.21 -5.17
CA VAL A 93 -13.89 -8.78 -5.79
C VAL A 93 -13.23 -9.85 -4.91
N LEU A 94 -13.32 -9.75 -3.58
CA LEU A 94 -12.92 -10.83 -2.68
C LEU A 94 -13.92 -12.01 -2.77
N ASN A 95 -13.44 -13.18 -3.22
CA ASN A 95 -14.23 -14.42 -3.36
C ASN A 95 -13.39 -15.62 -2.87
N ALA A 96 -14.04 -16.68 -2.38
CA ALA A 96 -13.35 -17.93 -2.01
C ALA A 96 -12.56 -18.60 -3.17
N VAL A 97 -12.80 -18.16 -4.42
CA VAL A 97 -12.00 -18.48 -5.62
C VAL A 97 -10.49 -18.29 -5.37
N ASN A 98 -10.10 -17.14 -4.81
CA ASN A 98 -8.70 -16.74 -4.57
C ASN A 98 -8.53 -15.40 -3.79
N ALA A 99 -9.44 -15.04 -2.87
CA ALA A 99 -9.31 -13.83 -2.03
C ALA A 99 -7.94 -13.69 -1.36
N SER A 100 -7.32 -14.81 -0.95
CA SER A 100 -5.93 -14.85 -0.50
C SER A 100 -4.97 -14.38 -1.60
N SER A 101 -4.91 -15.09 -2.74
CA SER A 101 -3.98 -14.77 -3.84
C SER A 101 -4.18 -13.38 -4.47
N LEU A 102 -5.41 -12.84 -4.47
CA LEU A 102 -5.68 -11.44 -4.86
C LEU A 102 -4.98 -10.42 -3.95
N GLY A 103 -4.74 -10.76 -2.68
CA GLY A 103 -3.94 -9.96 -1.76
C GLY A 103 -2.47 -9.88 -2.18
N SER A 104 -1.92 -11.01 -2.66
CA SER A 104 -0.62 -11.03 -3.35
C SER A 104 -0.63 -10.16 -4.60
N ALA A 105 -1.68 -10.20 -5.43
CA ALA A 105 -1.78 -9.37 -6.64
C ALA A 105 -1.73 -7.85 -6.31
N LEU A 106 -2.50 -7.40 -5.30
CA LEU A 106 -2.50 -5.99 -4.87
C LEU A 106 -1.15 -5.59 -4.23
N ALA A 107 -0.59 -6.43 -3.35
CA ALA A 107 0.70 -6.17 -2.74
C ALA A 107 1.87 -6.20 -3.74
N ASN A 108 1.81 -7.04 -4.78
CA ASN A 108 2.74 -7.00 -5.90
C ASN A 108 2.59 -5.70 -6.72
N ALA A 109 1.37 -5.19 -6.90
CA ALA A 109 1.13 -3.89 -7.55
C ALA A 109 1.70 -2.71 -6.72
N LEU A 110 1.48 -2.69 -5.41
CA LEU A 110 2.10 -1.71 -4.51
C LEU A 110 3.63 -1.87 -4.44
N SER A 111 4.15 -3.10 -4.49
CA SER A 111 5.59 -3.37 -4.57
C SER A 111 6.21 -2.83 -5.87
N ASP A 112 5.54 -2.98 -7.01
CA ASP A 112 5.92 -2.35 -8.28
C ASP A 112 6.01 -0.83 -8.14
N SER A 113 5.01 -0.20 -7.53
CA SER A 113 4.95 1.24 -7.29
C SER A 113 5.94 1.74 -6.24
N ALA A 114 6.29 0.93 -5.25
CA ALA A 114 7.32 1.25 -4.24
C ALA A 114 8.74 1.11 -4.81
N ALA A 115 8.99 0.11 -5.66
CA ALA A 115 10.21 0.05 -6.47
C ALA A 115 10.31 1.25 -7.43
N ASN A 116 9.18 1.69 -8.03
CA ASN A 116 9.10 2.92 -8.79
C ASN A 116 9.34 4.20 -7.94
N SER A 117 8.93 4.22 -6.66
CA SER A 117 9.26 5.32 -5.72
C SER A 117 10.78 5.52 -5.56
N ALA A 118 11.57 4.45 -5.70
CA ALA A 118 13.03 4.47 -5.68
C ALA A 118 13.70 4.88 -7.02
N VAL A 119 12.95 5.24 -8.07
CA VAL A 119 13.49 5.76 -9.36
C VAL A 119 14.36 7.00 -9.16
N SER A 120 13.84 8.00 -8.42
CA SER A 120 14.58 9.20 -8.00
C SER A 120 15.24 9.01 -6.61
N GLY A 121 15.12 7.81 -6.04
CA GLY A 121 15.56 7.44 -4.68
C GLY A 121 14.90 8.18 -3.51
N ASN A 122 14.10 9.22 -3.78
CA ASN A 122 13.67 10.24 -2.81
C ASN A 122 14.84 10.89 -2.02
N TYR A 123 16.05 10.93 -2.62
CA TYR A 123 17.26 11.55 -2.04
C TYR A 123 18.09 12.38 -3.03
N LEU A 124 17.83 12.29 -4.35
CA LEU A 124 18.61 12.94 -5.42
C LEU A 124 18.05 14.32 -5.84
N GLY A 125 17.37 15.02 -4.94
CA GLY A 125 16.90 16.40 -5.13
C GLY A 125 16.07 16.93 -3.97
N VAL A 126 15.13 16.12 -3.47
CA VAL A 126 14.42 16.35 -2.20
C VAL A 126 15.16 15.67 -1.04
N SER A 127 15.13 16.28 0.15
CA SER A 127 15.76 15.86 1.41
C SER A 127 17.03 15.00 1.28
N GLN A 128 18.13 15.64 0.84
CA GLN A 128 19.47 15.04 0.74
C GLN A 128 20.00 14.56 2.12
N ASN A 129 19.78 13.29 2.45
CA ASN A 129 20.19 12.65 3.71
C ASN A 129 20.56 11.17 3.53
N SER A 1 -13.83 -14.34 5.33
CA SER A 1 -12.93 -13.23 5.67
C SER A 1 -12.65 -12.30 4.50
N TYR A 2 -12.15 -12.86 3.38
CA TYR A 2 -11.82 -12.21 2.09
C TYR A 2 -10.80 -11.05 2.20
N SER A 3 -11.11 -9.98 2.93
CA SER A 3 -10.19 -8.90 3.30
C SER A 3 -9.02 -9.39 4.15
N SER A 4 -9.27 -10.28 5.14
CA SER A 4 -8.18 -10.87 5.94
C SER A 4 -7.31 -11.85 5.13
N ALA A 5 -7.92 -12.61 4.20
CA ALA A 5 -7.19 -13.48 3.27
C ALA A 5 -6.28 -12.67 2.33
N PHE A 6 -6.83 -11.62 1.72
CA PHE A 6 -6.12 -10.62 0.92
C PHE A 6 -4.98 -9.98 1.72
N ALA A 7 -5.27 -9.51 2.95
CA ALA A 7 -4.26 -9.03 3.88
C ALA A 7 -3.23 -10.08 4.32
N GLN A 8 -3.49 -11.39 4.18
CA GLN A 8 -2.51 -12.44 4.49
C GLN A 8 -1.43 -12.52 3.41
N ALA A 9 -1.79 -12.68 2.13
CA ALA A 9 -0.81 -12.69 1.05
C ALA A 9 -0.17 -11.31 0.85
N ALA A 10 -0.97 -10.24 1.00
CA ALA A 10 -0.44 -8.90 1.01
C ALA A 10 0.56 -8.72 2.15
N SER A 11 0.24 -9.05 3.41
CA SER A 11 1.21 -9.04 4.52
C SER A 11 2.44 -9.89 4.23
N SER A 12 2.28 -11.09 3.67
CA SER A 12 3.40 -11.98 3.30
C SER A 12 4.38 -11.31 2.31
N SER A 13 3.86 -10.62 1.30
CA SER A 13 4.66 -9.86 0.33
C SER A 13 5.18 -8.53 0.90
N LEU A 14 4.33 -7.73 1.54
CA LEU A 14 4.67 -6.45 2.19
C LEU A 14 5.74 -6.61 3.28
N ALA A 15 5.73 -7.71 4.05
CA ALA A 15 6.76 -8.07 5.03
C ALA A 15 8.10 -8.51 4.42
N THR A 16 8.14 -8.86 3.12
CA THR A 16 9.36 -9.18 2.35
C THR A 16 9.72 -8.07 1.35
N SER A 17 8.94 -6.98 1.31
CA SER A 17 9.16 -5.77 0.51
C SER A 17 10.00 -4.75 1.29
N SER A 18 11.30 -5.00 1.43
CA SER A 18 12.23 -4.06 2.08
C SER A 18 12.18 -2.65 1.51
N ALA A 19 11.85 -2.47 0.22
CA ALA A 19 11.61 -1.15 -0.38
C ALA A 19 10.44 -0.40 0.28
N ILE A 20 9.34 -1.08 0.60
CA ILE A 20 8.19 -0.51 1.31
C ILE A 20 8.56 -0.24 2.77
N SER A 21 9.21 -1.20 3.44
CA SER A 21 9.65 -1.02 4.84
C SER A 21 10.64 0.14 5.00
N ARG A 22 11.59 0.31 4.07
CA ARG A 22 12.49 1.47 4.02
C ARG A 22 11.79 2.77 3.64
N ALA A 23 10.87 2.78 2.69
CA ALA A 23 10.08 3.97 2.37
C ALA A 23 9.27 4.45 3.59
N PHE A 24 8.63 3.53 4.32
CA PHE A 24 7.89 3.84 5.54
C PHE A 24 8.76 4.17 6.77
N ALA A 25 9.96 3.60 6.88
CA ALA A 25 10.92 3.97 7.94
C ALA A 25 11.68 5.28 7.63
N SER A 26 11.84 5.63 6.35
CA SER A 26 12.42 6.89 5.87
C SER A 26 11.54 8.10 6.25
N VAL A 27 10.23 7.99 6.11
CA VAL A 27 9.27 9.01 6.57
C VAL A 27 9.10 8.98 8.09
N SER A 28 9.01 10.16 8.70
CA SER A 28 8.84 10.37 10.16
C SER A 28 7.64 11.28 10.48
N SER A 29 6.71 11.42 9.52
CA SER A 29 5.48 12.20 9.65
C SER A 29 4.31 11.43 9.05
N ALA A 30 3.15 11.43 9.72
CA ALA A 30 1.93 10.80 9.23
C ALA A 30 1.49 11.39 7.88
N SER A 31 1.72 12.69 7.66
CA SER A 31 1.47 13.35 6.37
C SER A 31 2.43 12.87 5.28
N ALA A 32 3.72 12.68 5.60
CA ALA A 32 4.70 12.13 4.65
C ALA A 32 4.37 10.69 4.26
N ALA A 33 4.02 9.82 5.23
CA ALA A 33 3.56 8.47 4.95
C ALA A 33 2.24 8.44 4.15
N SER A 34 1.27 9.30 4.51
CA SER A 34 0.01 9.51 3.78
C SER A 34 0.25 9.92 2.32
N SER A 35 1.11 10.92 2.07
CA SER A 35 1.50 11.35 0.72
C SER A 35 2.25 10.28 -0.07
N LEU A 36 3.14 9.50 0.56
CA LEU A 36 3.79 8.36 -0.10
C LEU A 36 2.76 7.28 -0.44
N ALA A 37 1.92 6.85 0.50
CA ALA A 37 0.91 5.81 0.28
C ALA A 37 -0.15 6.22 -0.76
N TYR A 38 -0.47 7.52 -0.84
CA TYR A 38 -1.23 8.13 -1.93
C TYR A 38 -0.48 7.98 -3.26
N ASN A 39 0.76 8.49 -3.36
CA ASN A 39 1.60 8.45 -4.57
C ASN A 39 1.88 7.03 -5.09
N ILE A 40 2.16 6.08 -4.21
CA ILE A 40 2.32 4.66 -4.50
C ILE A 40 0.97 4.03 -4.89
N GLY A 41 -0.10 4.45 -4.21
CA GLY A 41 -1.49 4.15 -4.53
C GLY A 41 -1.91 4.57 -5.95
N LEU A 42 -1.40 5.68 -6.51
CA LEU A 42 -1.66 6.05 -7.92
C LEU A 42 -1.16 4.97 -8.88
N SER A 43 0.08 4.49 -8.73
CA SER A 43 0.63 3.44 -9.58
C SER A 43 -0.06 2.09 -9.37
N ALA A 44 -0.36 1.73 -8.12
CA ALA A 44 -1.15 0.53 -7.82
C ALA A 44 -2.54 0.60 -8.48
N ALA A 45 -3.21 1.75 -8.39
CA ALA A 45 -4.49 2.03 -9.03
C ALA A 45 -4.42 1.99 -10.57
N ARG A 46 -3.35 2.51 -11.19
CA ARG A 46 -3.10 2.37 -12.65
C ARG A 46 -2.86 0.91 -13.07
N SER A 47 -2.04 0.17 -12.32
CA SER A 47 -1.78 -1.27 -12.54
C SER A 47 -3.04 -2.15 -12.39
N LEU A 48 -4.03 -1.67 -11.63
CA LEU A 48 -5.33 -2.32 -11.40
C LEU A 48 -6.49 -1.67 -12.20
N GLY A 49 -6.18 -0.69 -13.07
CA GLY A 49 -7.13 0.01 -13.95
C GLY A 49 -8.29 0.71 -13.24
N ILE A 50 -8.08 1.22 -12.02
CA ILE A 50 -9.11 1.85 -11.18
C ILE A 50 -9.68 3.11 -11.85
N ALA A 51 -11.01 3.22 -11.92
CA ALA A 51 -11.75 4.31 -12.56
C ALA A 51 -11.85 5.63 -11.73
N SER A 52 -11.02 5.76 -10.69
CA SER A 52 -10.92 6.86 -9.72
C SER A 52 -9.67 6.66 -8.85
N ASP A 53 -8.48 6.68 -9.48
CA ASP A 53 -7.20 6.57 -8.76
C ASP A 53 -7.03 7.58 -7.62
N THR A 54 -7.64 8.78 -7.73
CA THR A 54 -7.76 9.80 -6.67
C THR A 54 -8.50 9.29 -5.42
N ALA A 55 -9.58 8.53 -5.58
CA ALA A 55 -10.36 7.98 -4.48
C ALA A 55 -9.66 6.78 -3.83
N LEU A 56 -9.02 5.91 -4.63
CA LEU A 56 -8.23 4.78 -4.12
C LEU A 56 -7.01 5.27 -3.35
N ALA A 57 -6.22 6.16 -3.94
CA ALA A 57 -5.08 6.80 -3.29
C ALA A 57 -5.49 7.60 -2.04
N GLY A 58 -6.64 8.28 -2.07
CA GLY A 58 -7.23 8.96 -0.91
C GLY A 58 -7.60 8.00 0.24
N ALA A 59 -8.27 6.89 -0.06
CA ALA A 59 -8.58 5.85 0.93
C ALA A 59 -7.30 5.19 1.50
N LEU A 60 -6.29 4.94 0.65
CA LEU A 60 -4.96 4.47 1.06
C LEU A 60 -4.20 5.48 1.93
N ALA A 61 -4.34 6.78 1.64
CA ALA A 61 -3.80 7.86 2.45
C ALA A 61 -4.45 7.91 3.85
N GLN A 62 -5.79 7.77 3.91
CA GLN A 62 -6.53 7.66 5.17
C GLN A 62 -6.16 6.39 5.96
N ALA A 63 -5.88 5.28 5.29
CA ALA A 63 -5.42 4.05 5.93
C ALA A 63 -4.09 4.24 6.69
N VAL A 64 -3.08 4.79 6.00
CA VAL A 64 -1.77 5.09 6.59
C VAL A 64 -1.84 6.21 7.62
N GLY A 65 -2.57 7.29 7.34
CA GLY A 65 -2.83 8.39 8.28
C GLY A 65 -3.57 7.95 9.55
N GLY A 66 -4.35 6.85 9.47
CA GLY A 66 -5.04 6.22 10.59
C GLY A 66 -4.10 5.72 11.69
N VAL A 67 -2.96 5.10 11.31
CA VAL A 67 -1.91 4.68 12.25
C VAL A 67 -0.91 5.82 12.50
N GLY A 68 -0.44 6.47 11.43
CA GLY A 68 0.56 7.55 11.45
C GLY A 68 2.00 7.11 11.74
N ALA A 69 2.97 7.97 11.43
CA ALA A 69 4.41 7.67 11.57
C ALA A 69 4.82 7.29 13.01
N GLY A 70 5.58 6.19 13.14
CA GLY A 70 6.14 5.68 14.40
C GLY A 70 6.00 4.15 14.55
N ALA A 71 4.86 3.59 14.14
CA ALA A 71 4.64 2.14 14.05
C ALA A 71 5.54 1.45 13.00
N SER A 72 5.55 0.12 13.00
CA SER A 72 6.24 -0.68 11.98
C SER A 72 5.58 -0.57 10.60
N ALA A 73 6.34 -0.87 9.54
CA ALA A 73 5.80 -1.01 8.19
C ALA A 73 4.70 -2.06 8.09
N SER A 74 4.74 -3.11 8.93
CA SER A 74 3.68 -4.10 9.04
C SER A 74 2.34 -3.49 9.46
N ALA A 75 2.31 -2.49 10.36
CA ALA A 75 1.08 -1.80 10.74
C ALA A 75 0.45 -1.00 9.57
N TYR A 76 1.28 -0.30 8.79
CA TYR A 76 0.85 0.43 7.59
C TYR A 76 0.41 -0.52 6.48
N ALA A 77 1.18 -1.59 6.25
CA ALA A 77 0.83 -2.69 5.36
C ALA A 77 -0.51 -3.34 5.76
N ASN A 78 -0.77 -3.51 7.05
CA ASN A 78 -2.06 -4.01 7.55
C ASN A 78 -3.19 -3.01 7.24
N ALA A 79 -3.01 -1.72 7.55
CA ALA A 79 -4.02 -0.70 7.29
C ALA A 79 -4.29 -0.54 5.78
N ILE A 80 -3.24 -0.52 4.95
CA ILE A 80 -3.31 -0.50 3.47
C ILE A 80 -4.02 -1.76 2.95
N ALA A 81 -3.58 -2.96 3.34
CA ALA A 81 -4.15 -4.21 2.88
C ALA A 81 -5.58 -4.44 3.42
N ARG A 82 -5.97 -3.83 4.54
CA ARG A 82 -7.36 -3.76 5.02
C ARG A 82 -8.18 -2.67 4.33
N ALA A 83 -7.61 -1.52 3.97
CA ALA A 83 -8.34 -0.47 3.25
C ALA A 83 -8.56 -0.87 1.79
N ALA A 84 -7.50 -1.27 1.09
CA ALA A 84 -7.57 -1.90 -0.22
C ALA A 84 -8.38 -3.21 -0.16
N GLY A 85 -8.16 -4.06 0.85
CA GLY A 85 -8.90 -5.32 1.01
C GLY A 85 -10.39 -5.11 1.22
N GLN A 86 -10.82 -4.22 2.12
CA GLN A 86 -12.23 -3.87 2.28
C GLN A 86 -12.82 -3.22 1.01
N PHE A 87 -12.10 -2.28 0.38
CA PHE A 87 -12.59 -1.61 -0.84
C PHE A 87 -12.72 -2.59 -2.02
N LEU A 88 -11.71 -3.42 -2.28
CA LEU A 88 -11.75 -4.43 -3.34
C LEU A 88 -12.72 -5.59 -3.01
N ALA A 89 -12.98 -5.88 -1.73
CA ALA A 89 -14.05 -6.79 -1.30
C ALA A 89 -15.45 -6.21 -1.58
N THR A 90 -15.72 -4.94 -1.24
CA THR A 90 -17.01 -4.29 -1.52
C THR A 90 -17.23 -4.04 -3.02
N GLN A 91 -16.17 -3.81 -3.81
CA GLN A 91 -16.22 -3.80 -5.27
C GLN A 91 -16.34 -5.19 -5.92
N GLY A 92 -16.21 -6.28 -5.14
CA GLY A 92 -16.18 -7.66 -5.65
C GLY A 92 -15.02 -7.97 -6.62
N VAL A 93 -13.95 -7.16 -6.57
CA VAL A 93 -12.68 -7.40 -7.30
C VAL A 93 -12.00 -8.68 -6.80
N LEU A 94 -12.10 -8.96 -5.49
CA LEU A 94 -11.65 -10.20 -4.88
C LEU A 94 -12.83 -11.12 -4.51
N ASN A 95 -12.57 -12.43 -4.52
CA ASN A 95 -13.56 -13.50 -4.29
C ASN A 95 -12.84 -14.71 -3.65
N ALA A 96 -13.52 -15.55 -2.88
CA ALA A 96 -12.93 -16.72 -2.21
C ALA A 96 -12.15 -17.70 -3.14
N VAL A 97 -12.40 -17.64 -4.46
CA VAL A 97 -11.62 -18.26 -5.54
C VAL A 97 -10.10 -18.05 -5.38
N ASN A 98 -9.68 -16.81 -5.09
CA ASN A 98 -8.27 -16.41 -4.97
C ASN A 98 -8.10 -15.07 -4.20
N ALA A 99 -8.99 -14.73 -3.28
CA ALA A 99 -8.94 -13.47 -2.50
C ALA A 99 -7.60 -13.28 -1.79
N SER A 100 -7.03 -14.34 -1.21
CA SER A 100 -5.66 -14.36 -0.73
C SER A 100 -4.67 -14.08 -1.86
N SER A 101 -4.63 -14.88 -2.91
CA SER A 101 -3.66 -14.72 -4.02
C SER A 101 -3.66 -13.31 -4.66
N LEU A 102 -4.83 -12.67 -4.78
CA LEU A 102 -4.98 -11.28 -5.23
C LEU A 102 -4.38 -10.24 -4.27
N GLY A 103 -4.28 -10.56 -2.98
CA GLY A 103 -3.52 -9.78 -2.01
C GLY A 103 -2.05 -9.66 -2.40
N SER A 104 -1.45 -10.75 -2.88
CA SER A 104 -0.10 -10.74 -3.46
C SER A 104 -0.03 -9.94 -4.77
N ALA A 105 -1.10 -9.94 -5.60
CA ALA A 105 -1.15 -9.15 -6.83
C ALA A 105 -1.17 -7.62 -6.55
N LEU A 106 -2.01 -7.14 -5.62
CA LEU A 106 -1.98 -5.73 -5.18
C LEU A 106 -0.70 -5.40 -4.40
N ALA A 107 -0.20 -6.29 -3.54
CA ALA A 107 1.06 -6.05 -2.85
C ALA A 107 2.24 -5.96 -3.83
N ASN A 108 2.26 -6.76 -4.91
CA ASN A 108 3.19 -6.58 -6.01
C ASN A 108 2.96 -5.25 -6.77
N ALA A 109 1.73 -4.76 -6.91
CA ALA A 109 1.46 -3.46 -7.53
C ALA A 109 1.98 -2.27 -6.70
N LEU A 110 1.72 -2.26 -5.39
CA LEU A 110 2.27 -1.29 -4.44
C LEU A 110 3.80 -1.45 -4.30
N SER A 111 4.33 -2.67 -4.28
CA SER A 111 5.77 -2.96 -4.18
C SER A 111 6.54 -2.59 -5.45
N ASP A 112 6.02 -2.88 -6.66
CA ASP A 112 6.63 -2.43 -7.92
C ASP A 112 6.77 -0.90 -7.93
N SER A 113 5.72 -0.19 -7.50
CA SER A 113 5.74 1.26 -7.37
C SER A 113 6.69 1.75 -6.29
N ALA A 114 6.67 1.19 -5.08
CA ALA A 114 7.55 1.60 -3.97
C ALA A 114 9.03 1.29 -4.22
N ALA A 115 9.34 0.16 -4.88
CA ALA A 115 10.68 -0.17 -5.36
C ALA A 115 11.17 0.82 -6.42
N ASN A 116 10.31 1.20 -7.37
CA ASN A 116 10.59 2.28 -8.32
C ASN A 116 10.69 3.67 -7.63
N SER A 117 9.93 3.93 -6.57
CA SER A 117 10.02 5.14 -5.76
C SER A 117 11.40 5.29 -5.12
N ALA A 118 11.96 4.18 -4.60
CA ALA A 118 13.34 4.11 -4.14
C ALA A 118 14.40 4.39 -5.23
N VAL A 119 14.06 4.26 -6.53
CA VAL A 119 14.90 4.65 -7.66
C VAL A 119 14.88 6.16 -7.93
N SER A 120 13.75 6.83 -7.67
CA SER A 120 13.56 8.27 -7.90
C SER A 120 14.36 9.18 -6.95
N GLY A 121 15.01 8.63 -5.91
CA GLY A 121 15.87 9.35 -4.95
C GLY A 121 15.11 10.18 -3.91
N ASN A 122 13.98 10.78 -4.30
CA ASN A 122 13.04 11.46 -3.40
C ASN A 122 12.49 10.58 -2.24
N TYR A 123 12.67 9.25 -2.32
CA TYR A 123 12.32 8.30 -1.25
C TYR A 123 13.02 8.60 0.08
N LEU A 124 14.22 9.22 0.04
CA LEU A 124 14.99 9.66 1.20
C LEU A 124 14.39 10.94 1.86
N GLY A 125 13.06 10.99 2.00
CA GLY A 125 12.30 12.06 2.63
C GLY A 125 12.31 13.39 1.86
N VAL A 126 12.32 13.33 0.52
CA VAL A 126 12.49 14.47 -0.41
C VAL A 126 13.72 15.31 -0.04
N SER A 127 14.90 14.70 -0.24
CA SER A 127 16.21 15.28 0.06
C SER A 127 17.29 14.78 -0.92
N GLN A 128 18.42 15.47 -0.99
CA GLN A 128 19.56 15.27 -1.92
C GLN A 128 19.22 15.34 -3.42
N ASN A 129 18.46 14.36 -3.93
CA ASN A 129 18.17 14.12 -5.35
C ASN A 129 16.67 13.84 -5.58
N SER A 1 -12.69 -15.71 5.87
CA SER A 1 -13.19 -14.44 5.31
C SER A 1 -12.44 -14.02 4.03
N TYR A 2 -13.07 -13.17 3.20
CA TYR A 2 -12.52 -12.69 1.93
C TYR A 2 -11.42 -11.64 2.15
N SER A 3 -11.71 -10.61 2.95
CA SER A 3 -10.74 -9.56 3.33
C SER A 3 -9.62 -10.12 4.21
N SER A 4 -9.92 -11.09 5.10
CA SER A 4 -8.92 -11.77 5.91
C SER A 4 -7.98 -12.65 5.06
N ALA A 5 -8.50 -13.34 4.01
CA ALA A 5 -7.67 -14.07 3.05
C ALA A 5 -6.78 -13.13 2.21
N PHE A 6 -7.34 -12.02 1.72
CA PHE A 6 -6.59 -10.97 1.01
C PHE A 6 -5.48 -10.42 1.93
N ALA A 7 -5.81 -10.05 3.17
CA ALA A 7 -4.87 -9.61 4.18
C ALA A 7 -3.86 -10.70 4.58
N GLN A 8 -4.16 -12.00 4.51
CA GLN A 8 -3.20 -13.08 4.78
C GLN A 8 -2.07 -13.10 3.74
N ALA A 9 -2.40 -13.21 2.45
CA ALA A 9 -1.40 -13.20 1.39
C ALA A 9 -0.71 -11.84 1.28
N ALA A 10 -1.46 -10.74 1.40
CA ALA A 10 -0.92 -9.40 1.42
C ALA A 10 0.08 -9.25 2.59
N SER A 11 -0.27 -9.59 3.84
CA SER A 11 0.65 -9.59 4.98
C SER A 11 1.85 -10.51 4.77
N SER A 12 1.69 -11.67 4.12
CA SER A 12 2.80 -12.58 3.80
C SER A 12 3.84 -11.89 2.93
N SER A 13 3.40 -11.15 1.90
CA SER A 13 4.28 -10.34 1.05
C SER A 13 4.77 -9.07 1.77
N LEU A 14 3.87 -8.27 2.37
CA LEU A 14 4.14 -6.99 3.07
C LEU A 14 5.13 -7.14 4.25
N ALA A 15 5.08 -8.25 5.00
CA ALA A 15 6.05 -8.58 6.05
C ALA A 15 7.43 -9.02 5.49
N THR A 16 7.45 -9.57 4.27
CA THR A 16 8.67 -9.90 3.51
C THR A 16 9.26 -8.67 2.78
N SER A 17 8.42 -7.69 2.42
CA SER A 17 8.78 -6.43 1.77
C SER A 17 9.52 -5.47 2.72
N SER A 18 10.79 -5.75 3.00
CA SER A 18 11.66 -4.89 3.81
C SER A 18 11.70 -3.43 3.32
N ALA A 19 11.55 -3.18 2.01
CA ALA A 19 11.41 -1.82 1.45
C ALA A 19 10.15 -1.09 1.95
N ILE A 20 9.02 -1.78 2.08
CA ILE A 20 7.77 -1.23 2.63
C ILE A 20 7.91 -0.99 4.14
N SER A 21 8.46 -1.96 4.87
CA SER A 21 8.73 -1.81 6.31
C SER A 21 9.69 -0.64 6.60
N ARG A 22 10.76 -0.49 5.80
CA ARG A 22 11.66 0.66 5.85
C ARG A 22 10.96 1.98 5.50
N ALA A 23 10.13 2.04 4.47
CA ALA A 23 9.36 3.26 4.15
C ALA A 23 8.45 3.68 5.32
N PHE A 24 7.74 2.73 5.94
CA PHE A 24 6.91 2.98 7.13
C PHE A 24 7.71 3.40 8.38
N ALA A 25 8.91 2.85 8.59
CA ALA A 25 9.80 3.27 9.69
C ALA A 25 10.54 4.59 9.41
N SER A 26 10.75 4.93 8.12
CA SER A 26 11.40 6.18 7.68
C SER A 26 10.55 7.41 8.00
N VAL A 27 9.23 7.33 7.77
CA VAL A 27 8.29 8.37 8.20
C VAL A 27 8.04 8.34 9.72
N SER A 28 7.78 9.51 10.30
CA SER A 28 7.51 9.71 11.74
C SER A 28 6.35 10.69 12.01
N SER A 29 5.50 10.89 11.01
CA SER A 29 4.30 11.75 11.02
C SER A 29 3.15 11.04 10.32
N ALA A 30 1.94 11.11 10.89
CA ALA A 30 0.75 10.46 10.31
C ALA A 30 0.43 10.98 8.89
N SER A 31 0.64 12.28 8.63
CA SER A 31 0.55 12.88 7.29
C SER A 31 1.67 12.47 6.35
N ALA A 32 2.89 12.20 6.85
CA ALA A 32 3.98 11.67 6.03
C ALA A 32 3.69 10.20 5.64
N ALA A 33 3.16 9.39 6.56
CA ALA A 33 2.69 8.04 6.27
C ALA A 33 1.47 8.05 5.33
N SER A 34 0.50 8.96 5.53
CA SER A 34 -0.64 9.11 4.62
C SER A 34 -0.16 9.50 3.20
N SER A 35 0.81 10.41 3.09
CA SER A 35 1.40 10.84 1.81
C SER A 35 2.25 9.74 1.14
N LEU A 36 3.02 8.95 1.90
CA LEU A 36 3.74 7.80 1.33
C LEU A 36 2.76 6.76 0.77
N ALA A 37 1.70 6.44 1.52
CA ALA A 37 0.66 5.50 1.09
C ALA A 37 -0.20 6.09 -0.03
N TYR A 38 -0.35 7.41 -0.10
CA TYR A 38 -0.93 8.10 -1.24
C TYR A 38 -0.06 7.89 -2.50
N ASN A 39 1.24 8.18 -2.45
CA ASN A 39 2.12 8.02 -3.62
C ASN A 39 2.29 6.54 -4.05
N ILE A 40 2.50 5.63 -3.10
CA ILE A 40 2.58 4.18 -3.32
C ILE A 40 1.25 3.63 -3.86
N GLY A 41 0.13 4.08 -3.29
CA GLY A 41 -1.22 3.74 -3.72
C GLY A 41 -1.58 4.30 -5.10
N LEU A 42 -1.17 5.53 -5.42
CA LEU A 42 -1.36 6.14 -6.75
C LEU A 42 -0.64 5.31 -7.83
N SER A 43 0.65 5.02 -7.64
CA SER A 43 1.43 4.24 -8.61
C SER A 43 0.95 2.79 -8.75
N ALA A 44 0.40 2.19 -7.68
CA ALA A 44 -0.24 0.88 -7.75
C ALA A 44 -1.61 0.93 -8.47
N ALA A 45 -2.47 1.89 -8.10
CA ALA A 45 -3.76 2.13 -8.75
C ALA A 45 -3.60 2.40 -10.27
N ARG A 46 -2.54 3.10 -10.67
CA ARG A 46 -2.10 3.29 -12.06
C ARG A 46 -1.72 1.99 -12.77
N SER A 47 -1.00 1.07 -12.11
CA SER A 47 -0.69 -0.25 -12.65
C SER A 47 -1.96 -1.12 -12.84
N LEU A 48 -2.91 -1.07 -11.90
CA LEU A 48 -4.20 -1.79 -12.00
C LEU A 48 -5.18 -1.11 -12.99
N GLY A 49 -5.04 0.20 -13.25
CA GLY A 49 -5.84 0.97 -14.22
C GLY A 49 -7.10 1.62 -13.62
N ILE A 50 -7.09 1.91 -12.31
CA ILE A 50 -8.21 2.56 -11.60
C ILE A 50 -8.54 3.94 -12.22
N ALA A 51 -9.83 4.26 -12.39
CA ALA A 51 -10.31 5.53 -12.96
C ALA A 51 -10.47 6.68 -11.92
N SER A 52 -9.98 6.45 -10.70
CA SER A 52 -10.10 7.33 -9.53
C SER A 52 -8.92 7.12 -8.58
N ASP A 53 -7.68 7.20 -9.10
CA ASP A 53 -6.46 6.92 -8.33
C ASP A 53 -6.42 7.77 -7.04
N THR A 54 -6.88 9.02 -7.14
CA THR A 54 -7.07 9.98 -6.04
C THR A 54 -7.98 9.46 -4.91
N ALA A 55 -9.02 8.70 -5.22
CA ALA A 55 -9.94 8.10 -4.25
C ALA A 55 -9.38 6.80 -3.64
N LEU A 56 -8.74 5.95 -4.44
CA LEU A 56 -8.09 4.73 -3.99
C LEU A 56 -6.92 5.10 -3.03
N ALA A 57 -5.97 5.88 -3.52
CA ALA A 57 -4.85 6.40 -2.76
C ALA A 57 -5.30 7.28 -1.57
N GLY A 58 -6.38 8.07 -1.73
CA GLY A 58 -6.97 8.87 -0.65
C GLY A 58 -7.54 8.01 0.48
N ALA A 59 -8.24 6.92 0.15
CA ALA A 59 -8.68 5.93 1.13
C ALA A 59 -7.47 5.26 1.83
N LEU A 60 -6.40 4.93 1.10
CA LEU A 60 -5.16 4.40 1.69
C LEU A 60 -4.47 5.41 2.63
N ALA A 61 -4.44 6.68 2.26
CA ALA A 61 -3.94 7.77 3.09
C ALA A 61 -4.73 7.87 4.41
N GLN A 62 -6.07 7.90 4.32
CA GLN A 62 -6.97 7.94 5.49
C GLN A 62 -6.85 6.67 6.36
N ALA A 63 -6.65 5.48 5.74
CA ALA A 63 -6.44 4.22 6.45
C ALA A 63 -5.15 4.21 7.26
N VAL A 64 -4.03 4.61 6.66
CA VAL A 64 -2.73 4.74 7.34
C VAL A 64 -2.78 5.81 8.45
N GLY A 65 -3.44 6.94 8.20
CA GLY A 65 -3.74 7.96 9.20
C GLY A 65 -4.61 7.46 10.37
N GLY A 66 -5.34 6.35 10.19
CA GLY A 66 -6.16 5.69 11.22
C GLY A 66 -5.32 5.11 12.36
N VAL A 67 -4.18 4.47 12.06
CA VAL A 67 -3.20 4.03 13.07
C VAL A 67 -2.32 5.21 13.52
N GLY A 68 -1.86 6.04 12.57
CA GLY A 68 -0.94 7.15 12.82
C GLY A 68 0.51 6.70 13.13
N ALA A 69 1.46 7.64 13.09
CA ALA A 69 2.89 7.36 13.22
C ALA A 69 3.28 6.70 14.56
N GLY A 70 4.41 5.97 14.55
CA GLY A 70 4.94 5.27 15.73
C GLY A 70 4.29 3.89 15.96
N ALA A 71 4.10 3.12 14.88
CA ALA A 71 3.48 1.78 14.89
C ALA A 71 4.23 0.79 13.97
N SER A 72 3.93 -0.50 14.12
CA SER A 72 4.51 -1.60 13.33
C SER A 72 4.22 -1.44 11.82
N ALA A 73 5.12 -1.90 10.95
CA ALA A 73 4.88 -1.97 9.51
C ALA A 73 3.61 -2.78 9.20
N SER A 74 3.39 -3.89 9.90
CA SER A 74 2.16 -4.70 9.82
C SER A 74 0.89 -3.89 10.13
N ALA A 75 0.91 -2.92 11.05
CA ALA A 75 -0.28 -2.12 11.38
C ALA A 75 -0.72 -1.23 10.19
N TYR A 76 0.21 -0.53 9.54
CA TYR A 76 -0.08 0.26 8.33
C TYR A 76 -0.42 -0.65 7.14
N ALA A 77 0.37 -1.72 6.93
CA ALA A 77 0.19 -2.68 5.85
C ALA A 77 -1.16 -3.41 5.93
N ASN A 78 -1.62 -3.73 7.13
CA ASN A 78 -2.95 -4.27 7.42
C ASN A 78 -4.03 -3.21 7.20
N ALA A 79 -3.87 -1.97 7.70
CA ALA A 79 -4.81 -0.88 7.45
C ALA A 79 -5.02 -0.64 5.93
N ILE A 80 -3.93 -0.63 5.15
CA ILE A 80 -3.94 -0.62 3.68
C ILE A 80 -4.65 -1.85 3.12
N ALA A 81 -4.29 -3.06 3.55
CA ALA A 81 -4.90 -4.30 3.07
C ALA A 81 -6.40 -4.41 3.43
N ARG A 82 -6.87 -3.77 4.51
CA ARG A 82 -8.29 -3.64 4.86
C ARG A 82 -9.00 -2.57 4.03
N ALA A 83 -8.38 -1.42 3.79
CA ALA A 83 -8.97 -0.35 2.99
C ALA A 83 -9.02 -0.72 1.49
N ALA A 84 -7.90 -1.18 0.92
CA ALA A 84 -7.86 -1.81 -0.40
C ALA A 84 -8.77 -3.03 -0.45
N GLY A 85 -8.73 -3.92 0.57
CA GLY A 85 -9.58 -5.11 0.66
C GLY A 85 -11.08 -4.77 0.63
N GLN A 86 -11.54 -3.77 1.39
CA GLN A 86 -12.92 -3.26 1.32
C GLN A 86 -13.24 -2.67 -0.06
N PHE A 87 -12.32 -1.92 -0.67
CA PHE A 87 -12.49 -1.38 -2.02
C PHE A 87 -12.65 -2.53 -3.06
N LEU A 88 -11.79 -3.54 -3.02
CA LEU A 88 -11.83 -4.69 -3.93
C LEU A 88 -12.99 -5.66 -3.58
N ALA A 89 -13.51 -5.66 -2.35
CA ALA A 89 -14.76 -6.34 -1.98
C ALA A 89 -15.98 -5.67 -2.65
N THR A 90 -16.15 -4.35 -2.51
CA THR A 90 -17.28 -3.63 -3.12
C THR A 90 -17.22 -3.62 -4.66
N GLN A 91 -16.02 -3.60 -5.25
CA GLN A 91 -15.81 -3.78 -6.70
C GLN A 91 -16.04 -5.23 -7.19
N GLY A 92 -16.25 -6.21 -6.29
CA GLY A 92 -16.45 -7.63 -6.62
C GLY A 92 -15.17 -8.34 -7.13
N VAL A 93 -14.00 -7.71 -7.01
CA VAL A 93 -12.69 -8.27 -7.35
C VAL A 93 -12.31 -9.40 -6.39
N LEU A 94 -12.66 -9.28 -5.10
CA LEU A 94 -12.54 -10.40 -4.14
C LEU A 94 -13.59 -11.48 -4.41
N ASN A 95 -13.13 -12.68 -4.73
CA ASN A 95 -13.91 -13.85 -5.12
C ASN A 95 -13.22 -15.15 -4.66
N ALA A 96 -13.99 -16.22 -4.37
CA ALA A 96 -13.46 -17.50 -3.89
C ALA A 96 -12.48 -18.19 -4.88
N VAL A 97 -12.42 -17.72 -6.14
CA VAL A 97 -11.44 -18.11 -7.16
C VAL A 97 -10.00 -17.97 -6.63
N ASN A 98 -9.68 -16.80 -6.05
CA ASN A 98 -8.34 -16.47 -5.54
C ASN A 98 -8.27 -15.18 -4.69
N ALA A 99 -9.31 -14.81 -3.91
CA ALA A 99 -9.31 -13.65 -2.99
C ALA A 99 -8.07 -13.62 -2.07
N SER A 100 -7.56 -14.79 -1.67
CA SER A 100 -6.27 -14.90 -0.97
C SER A 100 -5.13 -14.43 -1.88
N SER A 101 -4.87 -15.12 -3.00
CA SER A 101 -3.74 -14.82 -3.90
C SER A 101 -3.75 -13.39 -4.48
N LEU A 102 -4.93 -12.80 -4.70
CA LEU A 102 -5.07 -11.39 -5.08
C LEU A 102 -4.52 -10.41 -4.02
N GLY A 103 -4.46 -10.81 -2.75
CA GLY A 103 -3.76 -10.08 -1.70
C GLY A 103 -2.26 -9.94 -1.98
N SER A 104 -1.60 -11.03 -2.38
CA SER A 104 -0.23 -10.98 -2.91
C SER A 104 -0.13 -10.17 -4.20
N ALA A 105 -1.11 -10.23 -5.11
CA ALA A 105 -1.10 -9.41 -6.33
C ALA A 105 -1.09 -7.89 -6.03
N LEU A 106 -1.95 -7.42 -5.11
CA LEU A 106 -2.01 -6.01 -4.70
C LEU A 106 -0.79 -5.62 -3.84
N ALA A 107 -0.35 -6.48 -2.91
CA ALA A 107 0.88 -6.26 -2.14
C ALA A 107 2.12 -6.17 -3.05
N ASN A 108 2.21 -6.97 -4.11
CA ASN A 108 3.27 -6.88 -5.11
C ASN A 108 3.17 -5.58 -5.93
N ALA A 109 1.96 -5.10 -6.25
CA ALA A 109 1.76 -3.80 -6.90
C ALA A 109 2.24 -2.63 -6.01
N LEU A 110 1.89 -2.63 -4.72
CA LEU A 110 2.39 -1.65 -3.74
C LEU A 110 3.90 -1.80 -3.50
N SER A 111 4.44 -3.03 -3.53
CA SER A 111 5.88 -3.30 -3.45
C SER A 111 6.65 -2.74 -4.64
N ASP A 112 6.11 -2.85 -5.86
CA ASP A 112 6.65 -2.18 -7.05
C ASP A 112 6.72 -0.66 -6.82
N SER A 113 5.65 -0.04 -6.33
CA SER A 113 5.61 1.38 -5.99
C SER A 113 6.55 1.77 -4.84
N ALA A 114 6.72 0.91 -3.82
CA ALA A 114 7.58 1.15 -2.66
C ALA A 114 9.07 1.08 -3.03
N ALA A 115 9.46 0.06 -3.79
CA ALA A 115 10.79 -0.05 -4.39
C ALA A 115 11.06 1.13 -5.34
N ASN A 116 10.06 1.55 -6.13
CA ASN A 116 10.16 2.74 -6.97
C ASN A 116 10.23 4.05 -6.15
N SER A 117 9.60 4.15 -4.98
CA SER A 117 9.76 5.26 -4.04
C SER A 117 11.21 5.38 -3.53
N ALA A 118 11.84 4.25 -3.21
CA ALA A 118 13.25 4.19 -2.82
C ALA A 118 14.23 4.33 -4.01
N VAL A 119 13.77 4.26 -5.27
CA VAL A 119 14.61 4.44 -6.48
C VAL A 119 15.24 5.83 -6.52
N SER A 120 14.60 6.84 -5.91
CA SER A 120 15.03 8.23 -5.89
C SER A 120 15.25 8.76 -4.47
N GLY A 121 14.16 8.85 -3.67
CA GLY A 121 14.19 9.45 -2.33
C GLY A 121 14.83 10.85 -2.27
N ASN A 122 14.95 11.58 -3.40
CA ASN A 122 15.67 12.84 -3.56
C ASN A 122 17.15 12.84 -3.06
N TYR A 123 17.80 11.68 -2.95
CA TYR A 123 19.17 11.56 -2.42
C TYR A 123 20.21 11.03 -3.43
N LEU A 124 19.79 10.43 -4.54
CA LEU A 124 20.62 9.85 -5.61
C LEU A 124 21.46 10.88 -6.44
N GLY A 125 21.55 12.13 -5.97
CA GLY A 125 22.14 13.28 -6.66
C GLY A 125 21.08 14.23 -7.22
N VAL A 126 20.01 13.67 -7.80
CA VAL A 126 18.92 14.35 -8.54
C VAL A 126 19.44 15.14 -9.78
N SER A 127 18.58 15.35 -10.78
CA SER A 127 18.84 16.21 -11.95
C SER A 127 18.85 17.71 -11.59
N GLN A 128 19.82 18.13 -10.77
CA GLN A 128 19.96 19.47 -10.21
C GLN A 128 21.46 19.81 -10.01
N ASN A 129 22.15 20.14 -11.11
CA ASN A 129 23.56 20.57 -11.13
C ASN A 129 23.86 21.75 -10.17
N SER A 1 -15.96 -12.50 1.16
CA SER A 1 -14.97 -11.43 1.09
C SER A 1 -13.96 -11.56 2.25
N TYR A 2 -12.67 -11.63 1.91
CA TYR A 2 -11.60 -12.07 2.81
C TYR A 2 -10.44 -11.05 2.88
N SER A 3 -10.75 -9.83 3.33
CA SER A 3 -9.77 -8.73 3.48
C SER A 3 -8.54 -9.12 4.31
N SER A 4 -8.71 -9.90 5.40
CA SER A 4 -7.60 -10.40 6.21
C SER A 4 -6.69 -11.37 5.43
N ALA A 5 -7.25 -12.21 4.56
CA ALA A 5 -6.47 -13.09 3.67
C ALA A 5 -5.72 -12.29 2.61
N PHE A 6 -6.37 -11.28 2.01
CA PHE A 6 -5.74 -10.32 1.09
C PHE A 6 -4.53 -9.65 1.76
N ALA A 7 -4.73 -9.14 2.98
CA ALA A 7 -3.69 -8.58 3.81
C ALA A 7 -2.61 -9.60 4.24
N GLN A 8 -2.90 -10.90 4.33
CA GLN A 8 -1.91 -11.94 4.64
C GLN A 8 -0.93 -12.20 3.47
N ALA A 9 -1.41 -12.35 2.23
CA ALA A 9 -0.52 -12.53 1.09
C ALA A 9 0.23 -11.23 0.76
N ALA A 10 -0.47 -10.10 0.83
CA ALA A 10 0.15 -8.80 0.72
C ALA A 10 1.22 -8.60 1.80
N SER A 11 0.93 -8.86 3.09
CA SER A 11 1.93 -8.76 4.16
C SER A 11 3.09 -9.75 3.96
N SER A 12 2.87 -10.97 3.45
CA SER A 12 3.96 -11.89 3.08
C SER A 12 4.94 -11.27 2.07
N SER A 13 4.44 -10.65 0.99
CA SER A 13 5.28 -9.97 -0.01
C SER A 13 5.87 -8.65 0.52
N LEU A 14 5.08 -7.81 1.18
CA LEU A 14 5.50 -6.51 1.72
C LEU A 14 6.50 -6.67 2.88
N ALA A 15 6.43 -7.75 3.68
CA ALA A 15 7.39 -8.09 4.74
C ALA A 15 8.77 -8.51 4.20
N THR A 16 8.82 -9.22 3.07
CA THR A 16 10.09 -9.58 2.39
C THR A 16 10.61 -8.46 1.47
N SER A 17 9.86 -7.35 1.34
CA SER A 17 10.15 -6.23 0.44
C SER A 17 10.66 -5.01 1.23
N SER A 18 11.94 -5.05 1.63
CA SER A 18 12.59 -3.98 2.39
C SER A 18 12.50 -2.59 1.73
N ALA A 19 12.34 -2.50 0.40
CA ALA A 19 12.07 -1.25 -0.32
C ALA A 19 10.76 -0.56 0.11
N ILE A 20 9.75 -1.34 0.49
CA ILE A 20 8.47 -0.85 1.05
C ILE A 20 8.70 -0.30 2.45
N SER A 21 9.40 -1.07 3.28
CA SER A 21 9.80 -0.65 4.63
C SER A 21 10.63 0.63 4.59
N ARG A 22 11.53 0.78 3.60
CA ARG A 22 12.21 2.04 3.31
C ARG A 22 11.23 3.14 2.92
N ALA A 23 10.34 2.98 1.95
CA ALA A 23 9.36 4.01 1.59
C ALA A 23 8.57 4.57 2.81
N PHE A 24 8.25 3.74 3.79
CA PHE A 24 7.59 4.16 5.04
C PHE A 24 8.52 4.72 6.11
N ALA A 25 9.74 4.20 6.26
CA ALA A 25 10.73 4.71 7.22
C ALA A 25 11.46 5.99 6.72
N SER A 26 11.50 6.20 5.40
CA SER A 26 12.01 7.38 4.70
C SER A 26 11.26 8.66 5.02
N VAL A 27 9.97 8.55 5.38
CA VAL A 27 9.17 9.67 5.87
C VAL A 27 9.13 9.70 7.40
N SER A 28 8.92 10.89 7.96
CA SER A 28 8.84 11.15 9.42
C SER A 28 7.49 11.77 9.84
N SER A 29 6.49 11.70 8.94
CA SER A 29 5.14 12.26 9.13
C SER A 29 4.08 11.31 8.56
N ALA A 30 2.96 11.16 9.26
CA ALA A 30 1.84 10.32 8.83
C ALA A 30 1.25 10.84 7.52
N SER A 31 1.11 12.16 7.38
CA SER A 31 0.63 12.82 6.16
C SER A 31 1.58 12.63 4.96
N ALA A 32 2.90 12.56 5.20
CA ALA A 32 3.88 12.23 4.16
C ALA A 32 3.76 10.77 3.69
N ALA A 33 3.55 9.82 4.61
CA ALA A 33 3.19 8.44 4.25
C ALA A 33 1.84 8.41 3.50
N SER A 34 0.84 9.18 3.94
CA SER A 34 -0.46 9.30 3.26
C SER A 34 -0.30 9.77 1.81
N SER A 35 0.53 10.79 1.55
CA SER A 35 0.86 11.24 0.19
C SER A 35 1.62 10.18 -0.61
N LEU A 36 2.62 9.49 -0.03
CA LEU A 36 3.34 8.42 -0.73
C LEU A 36 2.42 7.26 -1.11
N ALA A 37 1.64 6.77 -0.15
CA ALA A 37 0.65 5.72 -0.31
C ALA A 37 -0.46 6.11 -1.29
N TYR A 38 -0.87 7.38 -1.30
CA TYR A 38 -1.76 7.96 -2.32
C TYR A 38 -1.11 7.93 -3.71
N ASN A 39 0.13 8.41 -3.86
CA ASN A 39 0.86 8.41 -5.15
C ASN A 39 1.04 6.99 -5.73
N ILE A 40 1.53 6.03 -4.94
CA ILE A 40 1.70 4.63 -5.36
C ILE A 40 0.35 3.91 -5.55
N GLY A 41 -0.65 4.29 -4.76
CA GLY A 41 -2.03 3.80 -4.84
C GLY A 41 -2.79 4.30 -6.06
N LEU A 42 -2.57 5.54 -6.51
CA LEU A 42 -3.08 6.05 -7.79
C LEU A 42 -2.54 5.23 -8.97
N SER A 43 -1.25 4.89 -8.97
CA SER A 43 -0.64 4.05 -10.02
C SER A 43 -1.25 2.63 -10.02
N ALA A 44 -1.42 2.01 -8.84
CA ALA A 44 -2.16 0.75 -8.71
C ALA A 44 -3.61 0.87 -9.21
N ALA A 45 -4.31 1.94 -8.83
CA ALA A 45 -5.70 2.20 -9.23
C ALA A 45 -5.85 2.39 -10.76
N ARG A 46 -4.95 3.13 -11.39
CA ARG A 46 -4.86 3.29 -12.85
C ARG A 46 -4.61 1.97 -13.58
N SER A 47 -3.75 1.10 -13.04
CA SER A 47 -3.54 -0.26 -13.54
C SER A 47 -4.78 -1.15 -13.40
N LEU A 48 -5.52 -1.00 -12.31
CA LEU A 48 -6.77 -1.73 -12.00
C LEU A 48 -8.03 -1.09 -12.60
N GLY A 49 -7.89 -0.04 -13.42
CA GLY A 49 -8.99 0.65 -14.13
C GLY A 49 -10.07 1.26 -13.22
N ILE A 50 -9.69 1.67 -12.01
CA ILE A 50 -10.59 2.18 -10.96
C ILE A 50 -11.35 3.44 -11.41
N ALA A 51 -12.66 3.48 -11.18
CA ALA A 51 -13.57 4.54 -11.63
C ALA A 51 -13.51 5.86 -10.80
N SER A 52 -12.51 5.98 -9.93
CA SER A 52 -12.29 7.04 -8.94
C SER A 52 -10.92 6.79 -8.25
N ASP A 53 -9.83 6.92 -9.00
CA ASP A 53 -8.47 6.70 -8.48
C ASP A 53 -8.22 7.55 -7.21
N THR A 54 -8.66 8.81 -7.26
CA THR A 54 -8.64 9.76 -6.13
C THR A 54 -9.38 9.26 -4.89
N ALA A 55 -10.52 8.56 -5.03
CA ALA A 55 -11.28 8.04 -3.89
C ALA A 55 -10.64 6.77 -3.31
N LEU A 56 -10.14 5.83 -4.15
CA LEU A 56 -9.39 4.68 -3.66
C LEU A 56 -8.12 5.16 -2.95
N ALA A 57 -7.27 5.94 -3.62
CA ALA A 57 -6.02 6.44 -3.08
C ALA A 57 -6.23 7.30 -1.83
N GLY A 58 -7.30 8.11 -1.78
CA GLY A 58 -7.69 8.91 -0.61
C GLY A 58 -8.18 8.06 0.57
N ALA A 59 -9.00 7.03 0.34
CA ALA A 59 -9.42 6.07 1.36
C ALA A 59 -8.23 5.26 1.91
N LEU A 60 -7.27 4.91 1.05
CA LEU A 60 -6.00 4.29 1.41
C LEU A 60 -5.07 5.23 2.20
N ALA A 61 -4.99 6.51 1.82
CA ALA A 61 -4.31 7.54 2.59
C ALA A 61 -4.86 7.67 4.02
N GLN A 62 -6.19 7.60 4.20
CA GLN A 62 -6.82 7.59 5.53
C GLN A 62 -6.44 6.37 6.39
N ALA A 63 -6.17 5.21 5.78
CA ALA A 63 -5.71 4.01 6.49
C ALA A 63 -4.26 4.16 6.99
N VAL A 64 -3.38 4.71 6.14
CA VAL A 64 -1.99 5.09 6.50
C VAL A 64 -1.96 6.13 7.62
N GLY A 65 -2.78 7.18 7.50
CA GLY A 65 -3.02 8.17 8.54
C GLY A 65 -3.75 7.62 9.78
N GLY A 66 -4.19 6.36 9.74
CA GLY A 66 -4.89 5.67 10.83
C GLY A 66 -3.96 5.14 11.93
N VAL A 67 -2.75 4.69 11.57
CA VAL A 67 -1.74 4.21 12.55
C VAL A 67 -0.95 5.38 13.15
N GLY A 68 -0.41 6.27 12.31
CA GLY A 68 0.38 7.45 12.71
C GLY A 68 1.84 7.39 12.28
N ALA A 69 2.58 8.48 12.54
CA ALA A 69 3.99 8.62 12.15
C ALA A 69 4.94 7.78 13.03
N GLY A 70 6.09 7.39 12.47
CA GLY A 70 7.09 6.55 13.17
C GLY A 70 6.61 5.13 13.52
N ALA A 71 5.44 4.72 13.00
CA ALA A 71 4.91 3.36 13.13
C ALA A 71 5.77 2.32 12.40
N SER A 72 5.54 1.03 12.71
CA SER A 72 6.26 -0.08 12.07
C SER A 72 6.03 -0.12 10.55
N ALA A 73 7.04 -0.54 9.79
CA ALA A 73 6.91 -0.77 8.36
C ALA A 73 5.82 -1.81 8.02
N SER A 74 5.74 -2.90 8.80
CA SER A 74 4.68 -3.90 8.68
C SER A 74 3.30 -3.36 9.08
N ALA A 75 3.21 -2.34 9.94
CA ALA A 75 1.95 -1.68 10.29
C ALA A 75 1.44 -0.81 9.13
N TYR A 76 2.30 -0.04 8.47
CA TYR A 76 1.94 0.68 7.25
C TYR A 76 1.59 -0.29 6.10
N ALA A 77 2.39 -1.35 5.89
CA ALA A 77 2.11 -2.38 4.88
C ALA A 77 0.75 -3.04 5.12
N ASN A 78 0.44 -3.46 6.36
CA ASN A 78 -0.89 -3.98 6.72
C ASN A 78 -1.99 -2.92 6.61
N ALA A 79 -1.76 -1.66 6.96
CA ALA A 79 -2.77 -0.59 6.81
C ALA A 79 -3.12 -0.33 5.34
N ILE A 80 -2.13 -0.35 4.45
CA ILE A 80 -2.34 -0.21 3.00
C ILE A 80 -2.99 -1.49 2.44
N ALA A 81 -2.53 -2.66 2.86
CA ALA A 81 -3.11 -3.94 2.44
C ALA A 81 -4.53 -4.20 2.95
N ARG A 82 -4.89 -3.70 4.15
CA ARG A 82 -6.29 -3.65 4.63
C ARG A 82 -7.10 -2.61 3.85
N ALA A 83 -6.51 -1.50 3.41
CA ALA A 83 -7.23 -0.51 2.63
C ALA A 83 -7.55 -1.00 1.21
N ALA A 84 -6.57 -1.62 0.54
CA ALA A 84 -6.81 -2.32 -0.71
C ALA A 84 -7.74 -3.54 -0.51
N GLY A 85 -7.50 -4.34 0.53
CA GLY A 85 -8.26 -5.53 0.88
C GLY A 85 -9.73 -5.22 1.21
N GLN A 86 -10.01 -4.24 2.06
CA GLN A 86 -11.38 -3.81 2.39
C GLN A 86 -12.09 -3.27 1.15
N PHE A 87 -11.38 -2.55 0.26
CA PHE A 87 -11.96 -1.99 -0.95
C PHE A 87 -12.34 -3.12 -1.93
N LEU A 88 -11.43 -4.04 -2.21
CA LEU A 88 -11.72 -5.20 -3.07
C LEU A 88 -12.74 -6.16 -2.43
N ALA A 89 -12.79 -6.24 -1.09
CA ALA A 89 -13.81 -6.98 -0.33
C ALA A 89 -15.21 -6.36 -0.46
N THR A 90 -15.35 -5.04 -0.26
CA THR A 90 -16.65 -4.34 -0.41
C THR A 90 -17.14 -4.31 -1.85
N GLN A 91 -16.23 -4.25 -2.84
CA GLN A 91 -16.56 -4.40 -4.26
C GLN A 91 -16.80 -5.86 -4.69
N GLY A 92 -16.56 -6.85 -3.82
CA GLY A 92 -16.64 -8.29 -4.12
C GLY A 92 -15.73 -8.75 -5.27
N VAL A 93 -14.65 -8.00 -5.53
CA VAL A 93 -13.62 -8.32 -6.54
C VAL A 93 -12.80 -9.53 -6.11
N LEU A 94 -12.45 -9.61 -4.82
CA LEU A 94 -11.84 -10.80 -4.22
C LEU A 94 -12.92 -11.77 -3.70
N ASN A 95 -12.56 -13.05 -3.62
CA ASN A 95 -13.42 -14.16 -3.15
C ASN A 95 -12.54 -15.24 -2.53
N ALA A 96 -13.03 -15.98 -1.52
CA ALA A 96 -12.31 -17.10 -0.88
C ALA A 96 -11.64 -18.14 -1.82
N VAL A 97 -12.07 -18.21 -3.09
CA VAL A 97 -11.40 -18.88 -4.23
C VAL A 97 -9.89 -18.59 -4.26
N ASN A 98 -9.50 -17.31 -4.13
CA ASN A 98 -8.11 -16.83 -4.20
C ASN A 98 -7.91 -15.44 -3.56
N ALA A 99 -8.75 -15.00 -2.63
CA ALA A 99 -8.67 -13.69 -1.99
C ALA A 99 -7.32 -13.42 -1.31
N SER A 100 -6.70 -14.45 -0.73
CA SER A 100 -5.29 -14.41 -0.34
C SER A 100 -4.39 -14.13 -1.55
N SER A 101 -4.34 -15.03 -2.54
CA SER A 101 -3.48 -14.88 -3.73
C SER A 101 -3.65 -13.54 -4.49
N LEU A 102 -4.87 -12.99 -4.59
CA LEU A 102 -5.13 -11.66 -5.15
C LEU A 102 -4.52 -10.52 -4.31
N GLY A 103 -4.38 -10.72 -3.00
CA GLY A 103 -3.61 -9.86 -2.11
C GLY A 103 -2.16 -9.70 -2.57
N SER A 104 -1.49 -10.81 -2.90
CA SER A 104 -0.16 -10.76 -3.53
C SER A 104 -0.18 -10.12 -4.93
N ALA A 105 -1.23 -10.34 -5.72
CA ALA A 105 -1.37 -9.74 -7.06
C ALA A 105 -1.46 -8.20 -7.03
N LEU A 106 -2.19 -7.62 -6.07
CA LEU A 106 -2.22 -6.16 -5.85
C LEU A 106 -1.01 -5.66 -5.06
N ALA A 107 -0.46 -6.44 -4.12
CA ALA A 107 0.79 -6.11 -3.46
C ALA A 107 1.94 -5.95 -4.45
N ASN A 108 1.98 -6.73 -5.55
CA ASN A 108 2.89 -6.51 -6.66
C ASN A 108 2.72 -5.13 -7.34
N ALA A 109 1.49 -4.61 -7.46
CA ALA A 109 1.25 -3.26 -7.97
C ALA A 109 1.86 -2.20 -7.03
N LEU A 110 1.57 -2.27 -5.74
CA LEU A 110 2.13 -1.36 -4.72
C LEU A 110 3.65 -1.51 -4.59
N SER A 111 4.18 -2.74 -4.69
CA SER A 111 5.61 -3.04 -4.70
C SER A 111 6.33 -2.45 -5.91
N ASP A 112 5.80 -2.61 -7.12
CA ASP A 112 6.36 -1.96 -8.32
C ASP A 112 6.29 -0.43 -8.22
N SER A 113 5.19 0.13 -7.70
CA SER A 113 5.04 1.58 -7.53
C SER A 113 5.98 2.17 -6.47
N ALA A 114 6.19 1.49 -5.34
CA ALA A 114 7.19 1.87 -4.35
C ALA A 114 8.62 1.71 -4.91
N ALA A 115 8.91 0.61 -5.60
CA ALA A 115 10.16 0.41 -6.33
C ALA A 115 10.41 1.52 -7.37
N ASN A 116 9.35 2.07 -7.97
CA ASN A 116 9.42 3.19 -8.93
C ASN A 116 9.98 4.46 -8.26
N SER A 117 9.40 4.90 -7.13
CA SER A 117 9.90 6.06 -6.40
C SER A 117 11.26 5.78 -5.75
N ALA A 118 11.46 4.55 -5.24
CA ALA A 118 12.73 4.08 -4.70
C ALA A 118 13.90 4.11 -5.71
N VAL A 119 13.62 4.02 -7.02
CA VAL A 119 14.62 4.13 -8.09
C VAL A 119 15.22 5.54 -8.20
N SER A 120 14.48 6.58 -7.82
CA SER A 120 14.87 8.00 -7.98
C SER A 120 15.93 8.48 -6.98
N GLY A 121 15.88 8.01 -5.73
CA GLY A 121 16.80 8.41 -4.65
C GLY A 121 16.49 9.76 -3.97
N ASN A 122 15.58 10.57 -4.54
CA ASN A 122 15.11 11.84 -3.95
C ASN A 122 13.82 11.64 -3.12
N TYR A 123 13.11 10.53 -3.32
CA TYR A 123 11.86 10.16 -2.61
C TYR A 123 11.98 10.16 -1.08
N LEU A 124 13.18 9.89 -0.55
CA LEU A 124 13.48 9.86 0.88
C LEU A 124 13.97 11.21 1.45
N GLY A 125 13.75 12.31 0.72
CA GLY A 125 14.17 13.66 1.11
C GLY A 125 15.66 13.95 0.83
N VAL A 126 16.26 13.23 -0.12
CA VAL A 126 17.71 13.22 -0.45
C VAL A 126 18.56 12.86 0.78
N SER A 127 18.71 11.55 1.00
CA SER A 127 19.25 10.91 2.22
C SER A 127 18.44 11.18 3.50
N GLN A 128 18.58 10.31 4.50
CA GLN A 128 17.85 10.41 5.78
C GLN A 128 18.66 9.80 6.93
N ASN A 129 19.83 10.38 7.20
CA ASN A 129 20.81 9.97 8.23
C ASN A 129 21.32 11.16 9.08
N SER A 1 -15.83 -11.93 -0.82
CA SER A 1 -15.03 -10.81 -0.32
C SER A 1 -13.58 -11.22 -0.04
N TYR A 2 -13.37 -12.24 0.81
CA TYR A 2 -12.05 -12.76 1.19
C TYR A 2 -11.02 -11.67 1.58
N SER A 3 -11.48 -10.52 2.12
CA SER A 3 -10.61 -9.40 2.54
C SER A 3 -9.53 -9.82 3.53
N SER A 4 -9.85 -10.72 4.47
CA SER A 4 -8.87 -11.28 5.41
C SER A 4 -7.79 -12.11 4.72
N ALA A 5 -8.15 -12.88 3.68
CA ALA A 5 -7.21 -13.66 2.89
C ALA A 5 -6.33 -12.78 1.99
N PHE A 6 -6.93 -11.76 1.36
CA PHE A 6 -6.22 -10.72 0.61
C PHE A 6 -5.21 -10.01 1.51
N ALA A 7 -5.67 -9.55 2.67
CA ALA A 7 -4.83 -8.96 3.70
C ALA A 7 -3.82 -9.95 4.32
N GLN A 8 -4.03 -11.27 4.27
CA GLN A 8 -3.07 -12.27 4.75
C GLN A 8 -1.88 -12.44 3.79
N ALA A 9 -2.10 -12.63 2.49
CA ALA A 9 -1.00 -12.68 1.52
C ALA A 9 -0.31 -11.33 1.38
N ALA A 10 -1.09 -10.25 1.38
CA ALA A 10 -0.55 -8.90 1.44
C ALA A 10 0.26 -8.70 2.73
N SER A 11 -0.24 -9.09 3.90
CA SER A 11 0.51 -9.04 5.16
C SER A 11 1.81 -9.83 5.10
N SER A 12 1.80 -11.08 4.62
CA SER A 12 3.01 -11.91 4.51
C SER A 12 4.07 -11.27 3.60
N SER A 13 3.63 -10.67 2.48
CA SER A 13 4.49 -9.89 1.59
C SER A 13 4.98 -8.59 2.26
N LEU A 14 4.08 -7.74 2.76
CA LEU A 14 4.38 -6.46 3.41
C LEU A 14 5.25 -6.60 4.69
N ALA A 15 5.13 -7.72 5.40
CA ALA A 15 5.96 -8.11 6.55
C ALA A 15 7.40 -8.52 6.15
N THR A 16 7.65 -8.92 4.90
CA THR A 16 8.99 -9.23 4.37
C THR A 16 9.54 -8.11 3.47
N SER A 17 8.67 -7.24 2.94
CA SER A 17 8.99 -6.02 2.17
C SER A 17 9.70 -4.97 3.04
N SER A 18 11.00 -5.14 3.25
CA SER A 18 11.84 -4.15 3.94
C SER A 18 11.72 -2.76 3.31
N ALA A 19 11.58 -2.66 1.98
CA ALA A 19 11.32 -1.38 1.29
C ALA A 19 10.06 -0.64 1.79
N ILE A 20 8.99 -1.36 2.11
CA ILE A 20 7.76 -0.82 2.70
C ILE A 20 8.04 -0.36 4.14
N SER A 21 8.71 -1.21 4.93
CA SER A 21 9.10 -0.87 6.31
C SER A 21 9.99 0.37 6.39
N ARG A 22 11.01 0.46 5.52
CA ARG A 22 11.89 1.64 5.41
C ARG A 22 11.16 2.87 4.90
N ALA A 23 10.27 2.77 3.92
CA ALA A 23 9.43 3.89 3.47
C ALA A 23 8.53 4.43 4.61
N PHE A 24 7.86 3.54 5.35
CA PHE A 24 7.03 3.91 6.51
C PHE A 24 7.82 4.39 7.74
N ALA A 25 9.05 3.91 7.95
CA ALA A 25 9.94 4.42 9.00
C ALA A 25 10.66 5.73 8.59
N SER A 26 10.80 6.00 7.28
CA SER A 26 11.32 7.26 6.72
C SER A 26 10.46 8.47 7.12
N VAL A 27 9.14 8.28 7.15
CA VAL A 27 8.19 9.31 7.60
C VAL A 27 8.02 9.30 9.13
N SER A 28 7.80 10.48 9.71
CA SER A 28 7.60 10.68 11.17
C SER A 28 6.26 11.32 11.53
N SER A 29 5.51 11.83 10.55
CA SER A 29 4.15 12.37 10.71
C SER A 29 3.10 11.38 10.17
N ALA A 30 1.94 11.29 10.83
CA ALA A 30 0.83 10.46 10.39
C ALA A 30 0.32 10.86 8.99
N SER A 31 0.23 12.17 8.72
CA SER A 31 -0.05 12.69 7.38
C SER A 31 1.07 12.42 6.37
N ALA A 32 2.34 12.34 6.77
CA ALA A 32 3.42 11.98 5.85
C ALA A 32 3.35 10.49 5.43
N ALA A 33 2.95 9.59 6.34
CA ALA A 33 2.57 8.24 5.96
C ALA A 33 1.39 8.24 4.98
N SER A 34 0.37 9.08 5.22
CA SER A 34 -0.76 9.22 4.30
C SER A 34 -0.32 9.74 2.93
N SER A 35 0.58 10.73 2.85
CA SER A 35 1.15 11.25 1.60
C SER A 35 1.94 10.20 0.82
N LEU A 36 2.78 9.39 1.48
CA LEU A 36 3.51 8.30 0.83
C LEU A 36 2.53 7.23 0.35
N ALA A 37 1.64 6.76 1.22
CA ALA A 37 0.71 5.68 0.93
C ALA A 37 -0.26 6.09 -0.18
N TYR A 38 -0.73 7.35 -0.20
CA TYR A 38 -1.50 7.96 -1.28
C TYR A 38 -0.71 7.92 -2.60
N ASN A 39 0.50 8.48 -2.65
CA ASN A 39 1.35 8.50 -3.86
C ASN A 39 1.65 7.10 -4.42
N ILE A 40 1.91 6.14 -3.53
CA ILE A 40 2.06 4.71 -3.85
C ILE A 40 0.73 4.10 -4.30
N GLY A 41 -0.36 4.49 -3.66
CA GLY A 41 -1.74 4.14 -3.97
C GLY A 41 -2.15 4.52 -5.38
N LEU A 42 -1.69 5.65 -5.92
CA LEU A 42 -1.88 6.00 -7.33
C LEU A 42 -1.30 4.94 -8.28
N SER A 43 -0.16 4.32 -7.94
CA SER A 43 0.43 3.25 -8.77
C SER A 43 -0.40 1.97 -8.71
N ALA A 44 -0.79 1.52 -7.50
CA ALA A 44 -1.70 0.39 -7.34
C ALA A 44 -3.03 0.65 -8.08
N ALA A 45 -3.63 1.82 -7.88
CA ALA A 45 -4.86 2.27 -8.54
C ALA A 45 -4.75 2.28 -10.07
N ARG A 46 -3.65 2.81 -10.62
CA ARG A 46 -3.35 2.77 -12.07
C ARG A 46 -3.22 1.34 -12.61
N SER A 47 -2.48 0.47 -11.92
CA SER A 47 -2.34 -0.95 -12.28
C SER A 47 -3.65 -1.75 -12.16
N LEU A 48 -4.59 -1.31 -11.33
CA LEU A 48 -5.93 -1.89 -11.13
C LEU A 48 -7.01 -1.17 -11.97
N GLY A 49 -6.63 -0.19 -12.79
CA GLY A 49 -7.53 0.60 -13.64
C GLY A 49 -8.66 1.33 -12.91
N ILE A 50 -8.42 1.77 -11.67
CA ILE A 50 -9.42 2.42 -10.80
C ILE A 50 -9.95 3.72 -11.45
N ALA A 51 -11.28 3.87 -11.51
CA ALA A 51 -11.97 5.01 -12.12
C ALA A 51 -11.99 6.29 -11.25
N SER A 52 -11.25 6.27 -10.14
CA SER A 52 -11.24 7.26 -9.05
C SER A 52 -9.96 7.07 -8.21
N ASP A 53 -8.79 7.07 -8.86
CA ASP A 53 -7.50 6.85 -8.18
C ASP A 53 -7.31 7.77 -6.96
N THR A 54 -7.80 9.00 -7.07
CA THR A 54 -7.85 10.02 -6.01
C THR A 54 -8.73 9.62 -4.81
N ALA A 55 -9.85 8.92 -5.05
CA ALA A 55 -10.73 8.42 -3.99
C ALA A 55 -10.18 7.14 -3.33
N LEU A 56 -9.56 6.21 -4.09
CA LEU A 56 -8.92 5.03 -3.52
C LEU A 56 -7.66 5.43 -2.72
N ALA A 57 -6.79 6.25 -3.30
CA ALA A 57 -5.63 6.80 -2.60
C ALA A 57 -6.06 7.65 -1.38
N GLY A 58 -7.13 8.44 -1.49
CA GLY A 58 -7.69 9.19 -0.36
C GLY A 58 -8.25 8.29 0.75
N ALA A 59 -9.04 7.27 0.41
CA ALA A 59 -9.59 6.31 1.35
C ALA A 59 -8.50 5.48 2.05
N LEU A 60 -7.47 5.03 1.31
CA LEU A 60 -6.31 4.33 1.91
C LEU A 60 -5.45 5.28 2.77
N ALA A 61 -5.31 6.55 2.37
CA ALA A 61 -4.61 7.55 3.18
C ALA A 61 -5.27 7.72 4.57
N GLN A 62 -6.61 7.75 4.62
CA GLN A 62 -7.35 7.71 5.89
C GLN A 62 -7.14 6.40 6.68
N ALA A 63 -6.95 5.27 6.00
CA ALA A 63 -6.65 3.99 6.65
C ALA A 63 -5.29 4.04 7.38
N VAL A 64 -4.23 4.50 6.71
CA VAL A 64 -2.89 4.70 7.33
C VAL A 64 -2.92 5.76 8.44
N GLY A 65 -3.66 6.85 8.22
CA GLY A 65 -3.90 7.89 9.21
C GLY A 65 -4.71 7.41 10.44
N GLY A 66 -5.41 6.28 10.31
CA GLY A 66 -6.17 5.63 11.38
C GLY A 66 -5.29 5.07 12.50
N VAL A 67 -4.17 4.44 12.15
CA VAL A 67 -3.16 3.95 13.13
C VAL A 67 -2.27 5.11 13.61
N GLY A 68 -1.75 5.92 12.68
CA GLY A 68 -0.86 7.06 12.96
C GLY A 68 0.61 6.69 13.20
N ALA A 69 1.52 7.64 12.95
CA ALA A 69 2.97 7.44 13.00
C ALA A 69 3.51 7.04 14.39
N GLY A 70 4.47 6.11 14.43
CA GLY A 70 5.15 5.58 15.62
C GLY A 70 5.03 4.06 15.78
N ALA A 71 3.87 3.48 15.45
CA ALA A 71 3.61 2.04 15.36
C ALA A 71 4.45 1.31 14.27
N SER A 72 4.31 -0.02 14.19
CA SER A 72 5.01 -0.84 13.19
C SER A 72 4.52 -0.58 11.76
N ALA A 73 5.43 -0.69 10.78
CA ALA A 73 5.08 -0.63 9.36
C ALA A 73 4.02 -1.67 8.95
N SER A 74 4.05 -2.87 9.55
CA SER A 74 3.03 -3.90 9.32
C SER A 74 1.62 -3.49 9.76
N ALA A 75 1.46 -2.56 10.71
CA ALA A 75 0.15 -2.02 11.08
C ALA A 75 -0.40 -1.06 10.01
N TYR A 76 0.46 -0.24 9.42
CA TYR A 76 0.12 0.66 8.31
C TYR A 76 -0.18 -0.12 7.04
N ALA A 77 0.71 -1.05 6.71
CA ALA A 77 0.58 -1.95 5.58
C ALA A 77 -0.67 -2.85 5.71
N ASN A 78 -1.06 -3.26 6.92
CA ASN A 78 -2.36 -3.88 7.19
C ASN A 78 -3.52 -2.94 6.85
N ALA A 79 -3.47 -1.67 7.26
CA ALA A 79 -4.51 -0.69 6.92
C ALA A 79 -4.62 -0.47 5.40
N ILE A 80 -3.51 -0.51 4.65
CA ILE A 80 -3.53 -0.39 3.19
C ILE A 80 -4.04 -1.68 2.54
N ALA A 81 -3.60 -2.85 3.02
CA ALA A 81 -4.09 -4.15 2.57
C ALA A 81 -5.58 -4.35 2.86
N ARG A 82 -6.10 -3.78 3.97
CA ARG A 82 -7.53 -3.68 4.28
C ARG A 82 -8.26 -2.66 3.42
N ALA A 83 -7.72 -1.46 3.20
CA ALA A 83 -8.37 -0.45 2.37
C ALA A 83 -8.44 -0.86 0.89
N ALA A 84 -7.36 -1.41 0.33
CA ALA A 84 -7.36 -1.99 -1.01
C ALA A 84 -8.16 -3.30 -1.06
N GLY A 85 -8.02 -4.17 -0.06
CA GLY A 85 -8.76 -5.42 0.06
C GLY A 85 -10.27 -5.22 0.10
N GLN A 86 -10.76 -4.32 0.97
CA GLN A 86 -12.19 -3.96 1.03
C GLN A 86 -12.69 -3.38 -0.29
N PHE A 87 -11.84 -2.62 -1.01
CA PHE A 87 -12.19 -2.03 -2.30
C PHE A 87 -12.46 -3.12 -3.35
N LEU A 88 -11.56 -4.09 -3.46
CA LEU A 88 -11.66 -5.19 -4.41
C LEU A 88 -12.73 -6.21 -3.97
N ALA A 89 -12.93 -6.39 -2.66
CA ALA A 89 -14.02 -7.19 -2.08
C ALA A 89 -15.41 -6.61 -2.37
N THR A 90 -15.64 -5.31 -2.15
CA THR A 90 -16.92 -4.65 -2.47
C THR A 90 -17.20 -4.63 -3.98
N GLN A 91 -16.13 -4.52 -4.81
CA GLN A 91 -16.21 -4.67 -6.27
C GLN A 91 -16.38 -6.13 -6.74
N GLY A 92 -16.31 -7.12 -5.84
CA GLY A 92 -16.36 -8.55 -6.18
C GLY A 92 -15.22 -9.04 -7.09
N VAL A 93 -14.12 -8.27 -7.17
CA VAL A 93 -12.86 -8.65 -7.85
C VAL A 93 -12.17 -9.81 -7.13
N LEU A 94 -12.43 -9.97 -5.83
CA LEU A 94 -11.89 -11.04 -4.99
C LEU A 94 -12.85 -12.22 -4.92
N ASN A 95 -12.34 -13.41 -5.29
CA ASN A 95 -13.09 -14.67 -5.40
C ASN A 95 -12.31 -15.80 -4.71
N ALA A 96 -13.00 -16.83 -4.21
CA ALA A 96 -12.37 -18.02 -3.60
C ALA A 96 -11.35 -18.74 -4.49
N VAL A 97 -11.39 -18.50 -5.82
CA VAL A 97 -10.42 -18.93 -6.83
C VAL A 97 -8.97 -18.71 -6.38
N ASN A 98 -8.65 -17.48 -5.95
CA ASN A 98 -7.31 -17.03 -5.52
C ASN A 98 -7.29 -15.64 -4.85
N ALA A 99 -8.38 -15.18 -4.22
CA ALA A 99 -8.42 -13.89 -3.50
C ALA A 99 -7.26 -13.74 -2.50
N SER A 100 -6.88 -14.84 -1.83
CA SER A 100 -5.69 -14.90 -0.99
C SER A 100 -4.46 -14.47 -1.78
N SER A 101 -4.08 -15.21 -2.83
CA SER A 101 -2.89 -14.93 -3.65
C SER A 101 -2.95 -13.60 -4.42
N LEU A 102 -4.13 -13.12 -4.81
CA LEU A 102 -4.32 -11.78 -5.38
C LEU A 102 -3.96 -10.66 -4.38
N GLY A 103 -4.04 -10.91 -3.08
CA GLY A 103 -3.51 -10.03 -2.05
C GLY A 103 -2.01 -9.76 -2.19
N SER A 104 -1.25 -10.79 -2.57
CA SER A 104 0.17 -10.65 -2.91
C SER A 104 0.37 -9.70 -4.10
N ALA A 105 -0.50 -9.70 -5.11
CA ALA A 105 -0.41 -8.76 -6.23
C ALA A 105 -0.50 -7.29 -5.80
N LEU A 106 -1.37 -6.96 -4.83
CA LEU A 106 -1.46 -5.62 -4.25
C LEU A 106 -0.21 -5.27 -3.44
N ALA A 107 0.24 -6.16 -2.56
CA ALA A 107 1.48 -5.94 -1.81
C ALA A 107 2.73 -5.83 -2.71
N ASN A 108 2.79 -6.58 -3.82
CA ASN A 108 3.82 -6.45 -4.85
C ASN A 108 3.70 -5.09 -5.58
N ALA A 109 2.48 -4.60 -5.85
CA ALA A 109 2.27 -3.26 -6.39
C ALA A 109 2.76 -2.17 -5.42
N LEU A 110 2.39 -2.26 -4.14
CA LEU A 110 2.93 -1.37 -3.09
C LEU A 110 4.46 -1.47 -3.01
N SER A 111 5.03 -2.69 -3.07
CA SER A 111 6.47 -2.94 -3.03
C SER A 111 7.22 -2.31 -4.21
N ASP A 112 6.68 -2.45 -5.44
CA ASP A 112 7.17 -1.74 -6.62
C ASP A 112 7.21 -0.24 -6.38
N SER A 113 6.11 0.35 -5.92
CA SER A 113 6.02 1.79 -5.66
C SER A 113 6.88 2.26 -4.49
N ALA A 114 7.05 1.46 -3.43
CA ALA A 114 7.86 1.79 -2.25
C ALA A 114 9.37 1.71 -2.55
N ALA A 115 9.77 0.68 -3.30
CA ALA A 115 11.12 0.60 -3.87
C ALA A 115 11.38 1.79 -4.81
N ASN A 116 10.41 2.16 -5.65
CA ASN A 116 10.49 3.35 -6.51
C ASN A 116 10.46 4.68 -5.72
N SER A 117 9.75 4.75 -4.59
CA SER A 117 9.78 5.91 -3.67
C SER A 117 11.17 6.14 -3.07
N ALA A 118 11.93 5.07 -2.80
CA ALA A 118 13.33 5.16 -2.41
C ALA A 118 14.31 5.48 -3.56
N VAL A 119 13.87 5.38 -4.83
CA VAL A 119 14.70 5.70 -6.02
C VAL A 119 15.07 7.19 -6.12
N SER A 120 14.20 8.07 -5.60
CA SER A 120 14.33 9.53 -5.71
C SER A 120 13.95 10.24 -4.41
N GLY A 121 12.67 10.17 -4.01
CA GLY A 121 12.10 10.84 -2.83
C GLY A 121 12.27 12.36 -2.73
N ASN A 122 12.75 13.02 -3.80
CA ASN A 122 13.26 14.40 -3.86
C ASN A 122 14.66 14.59 -3.23
N TYR A 123 15.25 13.53 -2.65
CA TYR A 123 16.58 13.55 -2.01
C TYR A 123 17.71 13.21 -2.99
N LEU A 124 17.46 12.24 -3.89
CA LEU A 124 18.41 11.72 -4.88
C LEU A 124 17.82 11.68 -6.30
N GLY A 125 16.72 12.41 -6.53
CA GLY A 125 15.98 12.46 -7.81
C GLY A 125 16.78 13.03 -9.00
N VAL A 126 17.89 13.74 -8.73
CA VAL A 126 18.81 14.32 -9.73
C VAL A 126 20.22 13.73 -9.52
N SER A 127 20.30 12.40 -9.47
CA SER A 127 21.54 11.63 -9.27
C SER A 127 21.46 10.23 -9.91
N GLN A 128 22.61 9.63 -10.25
CA GLN A 128 22.68 8.32 -10.92
C GLN A 128 24.07 7.65 -10.77
N ASN A 129 24.28 6.98 -9.63
CA ASN A 129 25.50 6.24 -9.27
C ASN A 129 25.22 5.16 -8.19
N SER A 1 -10.48 -16.59 2.30
CA SER A 1 -10.71 -15.97 0.98
C SER A 1 -11.43 -14.60 1.05
N TYR A 2 -11.08 -13.81 2.07
CA TYR A 2 -11.67 -12.52 2.46
C TYR A 2 -10.60 -11.40 2.48
N SER A 3 -10.92 -10.19 2.96
CA SER A 3 -9.96 -9.09 3.16
C SER A 3 -8.75 -9.49 4.02
N SER A 4 -8.95 -10.36 5.02
CA SER A 4 -7.87 -10.97 5.81
C SER A 4 -6.98 -11.92 4.97
N ALA A 5 -7.56 -12.62 3.98
CA ALA A 5 -6.81 -13.47 3.05
C ALA A 5 -5.94 -12.63 2.11
N PHE A 6 -6.49 -11.53 1.55
CA PHE A 6 -5.71 -10.51 0.84
C PHE A 6 -4.51 -10.07 1.68
N ALA A 7 -4.78 -9.67 2.92
CA ALA A 7 -3.75 -9.23 3.87
C ALA A 7 -2.74 -10.32 4.25
N GLN A 8 -3.06 -11.62 4.14
CA GLN A 8 -2.10 -12.71 4.37
C GLN A 8 -1.00 -12.77 3.30
N ALA A 9 -1.38 -12.84 2.01
CA ALA A 9 -0.40 -12.83 0.92
C ALA A 9 0.28 -11.45 0.78
N ALA A 10 -0.49 -10.37 0.95
CA ALA A 10 0.05 -9.02 0.98
C ALA A 10 1.06 -8.84 2.11
N SER A 11 0.81 -9.35 3.32
CA SER A 11 1.80 -9.35 4.42
C SER A 11 3.10 -10.04 4.02
N SER A 12 3.05 -11.23 3.42
CA SER A 12 4.27 -11.93 2.99
C SER A 12 5.02 -11.16 1.89
N SER A 13 4.30 -10.66 0.87
CA SER A 13 4.86 -9.86 -0.22
C SER A 13 5.47 -8.53 0.25
N LEU A 14 4.74 -7.75 1.06
CA LEU A 14 5.18 -6.46 1.59
C LEU A 14 6.33 -6.62 2.60
N ALA A 15 6.32 -7.69 3.42
CA ALA A 15 7.42 -8.00 4.34
C ALA A 15 8.71 -8.40 3.60
N THR A 16 8.57 -9.02 2.42
CA THR A 16 9.66 -9.24 1.45
C THR A 16 10.21 -7.93 0.84
N SER A 17 9.42 -6.85 0.85
CA SER A 17 9.77 -5.56 0.26
C SER A 17 10.24 -4.56 1.32
N SER A 18 11.51 -4.68 1.75
CA SER A 18 12.11 -3.74 2.71
C SER A 18 12.05 -2.27 2.27
N ALA A 19 11.99 -2.00 0.95
CA ALA A 19 11.75 -0.67 0.40
C ALA A 19 10.40 -0.05 0.83
N ILE A 20 9.34 -0.86 1.01
CA ILE A 20 8.06 -0.41 1.59
C ILE A 20 8.26 0.03 3.06
N SER A 21 8.95 -0.79 3.87
CA SER A 21 9.27 -0.46 5.26
C SER A 21 10.12 0.82 5.38
N ARG A 22 11.19 0.94 4.58
CA ARG A 22 12.03 2.16 4.53
C ARG A 22 11.24 3.39 4.06
N ALA A 23 10.34 3.27 3.09
CA ALA A 23 9.45 4.36 2.69
C ALA A 23 8.63 4.92 3.87
N PHE A 24 8.03 4.04 4.69
CA PHE A 24 7.27 4.43 5.87
C PHE A 24 8.12 4.93 7.05
N ALA A 25 9.34 4.40 7.22
CA ALA A 25 10.29 4.92 8.20
C ALA A 25 10.90 6.28 7.79
N SER A 26 10.97 6.55 6.48
CA SER A 26 11.51 7.80 5.93
C SER A 26 10.60 9.01 6.17
N VAL A 27 9.29 8.84 6.01
CA VAL A 27 8.27 9.85 6.35
C VAL A 27 8.17 10.01 7.88
N SER A 28 8.10 11.26 8.34
CA SER A 28 8.02 11.64 9.77
C SER A 28 6.76 12.46 10.09
N SER A 29 5.79 12.42 9.18
CA SER A 29 4.49 13.09 9.25
C SER A 29 3.41 12.13 8.73
N ALA A 30 2.25 12.09 9.41
CA ALA A 30 1.11 11.31 8.94
C ALA A 30 0.65 11.78 7.56
N SER A 31 0.68 13.10 7.29
CA SER A 31 0.42 13.67 5.96
C SER A 31 1.45 13.22 4.92
N ALA A 32 2.74 13.18 5.26
CA ALA A 32 3.77 12.68 4.35
C ALA A 32 3.58 11.19 4.03
N ALA A 33 3.24 10.36 5.03
CA ALA A 33 2.88 8.96 4.82
C ALA A 33 1.63 8.81 3.95
N SER A 34 0.56 9.54 4.26
CA SER A 34 -0.69 9.57 3.50
C SER A 34 -0.45 9.95 2.04
N SER A 35 0.34 11.00 1.76
CA SER A 35 0.68 11.45 0.40
C SER A 35 1.65 10.52 -0.35
N LEU A 36 2.60 9.87 0.34
CA LEU A 36 3.43 8.80 -0.22
C LEU A 36 2.55 7.64 -0.65
N ALA A 37 1.70 7.16 0.26
CA ALA A 37 0.76 6.08 -0.01
C ALA A 37 -0.32 6.47 -1.04
N TYR A 38 -0.66 7.76 -1.15
CA TYR A 38 -1.47 8.32 -2.23
C TYR A 38 -0.77 8.17 -3.58
N ASN A 39 0.51 8.56 -3.72
CA ASN A 39 1.27 8.35 -4.97
C ASN A 39 1.41 6.87 -5.36
N ILE A 40 1.79 6.01 -4.40
CA ILE A 40 1.86 4.55 -4.56
C ILE A 40 0.49 3.98 -4.98
N GLY A 41 -0.57 4.43 -4.32
CA GLY A 41 -1.95 4.03 -4.54
C GLY A 41 -2.56 4.52 -5.85
N LEU A 42 -2.24 5.73 -6.29
CA LEU A 42 -2.62 6.26 -7.60
C LEU A 42 -1.98 5.43 -8.73
N SER A 43 -0.69 5.12 -8.62
CA SER A 43 0.02 4.28 -9.59
C SER A 43 -0.54 2.86 -9.61
N ALA A 44 -0.74 2.23 -8.44
CA ALA A 44 -1.41 0.94 -8.32
C ALA A 44 -2.83 0.96 -8.92
N ALA A 45 -3.65 1.96 -8.57
CA ALA A 45 -5.00 2.13 -9.08
C ALA A 45 -5.07 2.30 -10.62
N ARG A 46 -4.17 3.10 -11.20
CA ARG A 46 -4.02 3.22 -12.66
C ARG A 46 -3.61 1.90 -13.32
N SER A 47 -2.70 1.14 -12.72
CA SER A 47 -2.31 -0.21 -13.18
C SER A 47 -3.43 -1.25 -13.08
N LEU A 48 -4.25 -1.20 -12.02
CA LEU A 48 -5.42 -2.07 -11.80
C LEU A 48 -6.66 -1.64 -12.60
N GLY A 49 -6.67 -0.42 -13.17
CA GLY A 49 -7.76 0.14 -13.98
C GLY A 49 -8.95 0.69 -13.18
N ILE A 50 -8.71 1.18 -11.96
CA ILE A 50 -9.72 1.72 -11.03
C ILE A 50 -10.36 3.00 -11.60
N ALA A 51 -11.70 3.06 -11.60
CA ALA A 51 -12.50 4.17 -12.14
C ALA A 51 -12.54 5.45 -11.28
N SER A 52 -11.63 5.56 -10.31
CA SER A 52 -11.49 6.62 -9.30
C SER A 52 -10.20 6.37 -8.50
N ASP A 53 -9.05 6.46 -9.20
CA ASP A 53 -7.73 6.40 -8.57
C ASP A 53 -7.60 7.35 -7.36
N THR A 54 -8.09 8.58 -7.49
CA THR A 54 -8.20 9.56 -6.39
C THR A 54 -8.97 9.05 -5.16
N ALA A 55 -10.05 8.28 -5.35
CA ALA A 55 -10.83 7.73 -4.23
C ALA A 55 -10.17 6.51 -3.59
N LEU A 56 -9.59 5.58 -4.38
CA LEU A 56 -8.78 4.48 -3.81
C LEU A 56 -7.60 5.07 -3.05
N ALA A 57 -6.78 5.89 -3.70
CA ALA A 57 -5.58 6.46 -3.13
C ALA A 57 -5.90 7.32 -1.89
N GLY A 58 -7.00 8.07 -1.91
CA GLY A 58 -7.48 8.86 -0.77
C GLY A 58 -7.97 8.00 0.40
N ALA A 59 -8.74 6.94 0.14
CA ALA A 59 -9.18 5.99 1.16
C ALA A 59 -8.00 5.23 1.80
N LEU A 60 -7.02 4.83 1.00
CA LEU A 60 -5.76 4.22 1.45
C LEU A 60 -4.88 5.23 2.22
N ALA A 61 -4.79 6.48 1.76
CA ALA A 61 -4.11 7.56 2.47
C ALA A 61 -4.74 7.81 3.85
N GLN A 62 -6.07 7.85 3.95
CA GLN A 62 -6.80 7.95 5.23
C GLN A 62 -6.49 6.75 6.16
N ALA A 63 -6.33 5.54 5.62
CA ALA A 63 -5.91 4.37 6.38
C ALA A 63 -4.49 4.53 6.94
N VAL A 64 -3.52 4.92 6.11
CA VAL A 64 -2.13 5.22 6.49
C VAL A 64 -2.05 6.31 7.57
N GLY A 65 -2.79 7.41 7.40
CA GLY A 65 -2.97 8.46 8.41
C GLY A 65 -3.68 8.00 9.69
N GLY A 66 -4.31 6.82 9.68
CA GLY A 66 -4.99 6.21 10.82
C GLY A 66 -4.03 5.74 11.93
N VAL A 67 -2.85 5.24 11.55
CA VAL A 67 -1.77 4.89 12.51
C VAL A 67 -1.06 6.14 13.02
N GLY A 68 -0.65 7.02 12.09
CA GLY A 68 0.11 8.25 12.39
C GLY A 68 1.63 8.07 12.39
N ALA A 69 2.36 9.19 12.37
CA ALA A 69 3.84 9.23 12.34
C ALA A 69 4.49 8.55 13.56
N GLY A 70 5.67 7.97 13.35
CA GLY A 70 6.47 7.33 14.41
C GLY A 70 5.89 5.99 14.87
N ALA A 71 5.68 5.08 13.92
CA ALA A 71 5.09 3.75 14.14
C ALA A 71 5.81 2.64 13.33
N SER A 72 5.46 1.38 13.58
CA SER A 72 6.02 0.22 12.87
C SER A 72 5.67 0.25 11.38
N ALA A 73 6.58 -0.25 10.53
CA ALA A 73 6.31 -0.46 9.12
C ALA A 73 5.13 -1.43 8.89
N SER A 74 5.03 -2.49 9.68
CA SER A 74 3.87 -3.39 9.67
C SER A 74 2.58 -2.68 10.06
N ALA A 75 2.57 -1.67 10.95
CA ALA A 75 1.36 -0.92 11.27
C ALA A 75 0.85 -0.10 10.06
N TYR A 76 1.73 0.67 9.42
CA TYR A 76 1.42 1.39 8.19
C TYR A 76 0.97 0.44 7.07
N ALA A 77 1.71 -0.64 6.86
CA ALA A 77 1.42 -1.64 5.85
C ALA A 77 0.16 -2.47 6.16
N ASN A 78 -0.19 -2.67 7.43
CA ASN A 78 -1.47 -3.26 7.85
C ASN A 78 -2.61 -2.36 7.39
N ALA A 79 -2.53 -1.05 7.61
CA ALA A 79 -3.54 -0.11 7.15
C ALA A 79 -3.67 -0.11 5.61
N ILE A 80 -2.56 -0.24 4.88
CA ILE A 80 -2.54 -0.37 3.41
C ILE A 80 -3.13 -1.70 2.95
N ALA A 81 -2.70 -2.83 3.53
CA ALA A 81 -3.20 -4.16 3.19
C ALA A 81 -4.69 -4.32 3.55
N ARG A 82 -5.14 -3.75 4.68
CA ARG A 82 -6.55 -3.63 5.06
C ARG A 82 -7.33 -2.70 4.14
N ALA A 83 -6.78 -1.56 3.72
CA ALA A 83 -7.47 -0.65 2.80
C ALA A 83 -7.58 -1.25 1.39
N ALA A 84 -6.50 -1.78 0.83
CA ALA A 84 -6.53 -2.51 -0.43
C ALA A 84 -7.46 -3.74 -0.36
N GLY A 85 -7.43 -4.49 0.74
CA GLY A 85 -8.35 -5.59 1.03
C GLY A 85 -9.82 -5.16 1.12
N GLN A 86 -10.15 -4.14 1.94
CA GLN A 86 -11.52 -3.64 2.08
C GLN A 86 -12.06 -3.09 0.75
N PHE A 87 -11.21 -2.44 -0.05
CA PHE A 87 -11.58 -1.92 -1.36
C PHE A 87 -11.94 -3.07 -2.32
N LEU A 88 -11.11 -4.12 -2.38
CA LEU A 88 -11.44 -5.31 -3.15
C LEU A 88 -12.61 -6.14 -2.57
N ALA A 89 -12.89 -6.04 -1.26
CA ALA A 89 -14.07 -6.64 -0.64
C ALA A 89 -15.37 -5.94 -1.09
N THR A 90 -15.41 -4.60 -1.06
CA THR A 90 -16.57 -3.81 -1.52
C THR A 90 -16.76 -3.85 -3.04
N GLN A 91 -15.68 -4.01 -3.82
CA GLN A 91 -15.76 -4.30 -5.27
C GLN A 91 -16.11 -5.76 -5.61
N GLY A 92 -16.21 -6.66 -4.62
CA GLY A 92 -16.48 -8.09 -4.83
C GLY A 92 -15.40 -8.82 -5.64
N VAL A 93 -14.17 -8.31 -5.63
CA VAL A 93 -12.98 -8.93 -6.25
C VAL A 93 -12.41 -10.07 -5.40
N LEU A 94 -12.60 -10.00 -4.07
CA LEU A 94 -12.20 -11.07 -3.15
C LEU A 94 -13.20 -12.23 -3.18
N ASN A 95 -12.77 -13.37 -3.74
CA ASN A 95 -13.54 -14.59 -3.92
C ASN A 95 -12.75 -15.83 -3.46
N ALA A 96 -13.44 -16.96 -3.27
CA ALA A 96 -12.85 -18.28 -3.06
C ALA A 96 -11.92 -18.77 -4.22
N VAL A 97 -11.98 -18.11 -5.38
CA VAL A 97 -11.08 -18.30 -6.53
C VAL A 97 -9.61 -18.22 -6.10
N ASN A 98 -9.24 -17.15 -5.37
CA ASN A 98 -7.88 -16.79 -4.94
C ASN A 98 -7.78 -15.41 -4.25
N ALA A 99 -8.66 -15.04 -3.32
CA ALA A 99 -8.57 -13.76 -2.60
C ALA A 99 -7.23 -13.52 -1.87
N SER A 100 -6.59 -14.58 -1.33
CA SER A 100 -5.20 -14.50 -0.85
C SER A 100 -4.22 -14.33 -2.01
N SER A 101 -4.18 -15.26 -2.96
CA SER A 101 -3.20 -15.22 -4.06
C SER A 101 -3.28 -13.95 -4.94
N LEU A 102 -4.47 -13.40 -5.20
CA LEU A 102 -4.65 -12.09 -5.87
C LEU A 102 -4.19 -10.92 -4.99
N GLY A 103 -4.26 -11.05 -3.66
CA GLY A 103 -3.70 -10.08 -2.72
C GLY A 103 -2.20 -9.91 -2.86
N SER A 104 -1.49 -11.01 -3.18
CA SER A 104 -0.08 -10.94 -3.60
C SER A 104 0.11 -10.13 -4.89
N ALA A 105 -0.79 -10.25 -5.88
CA ALA A 105 -0.71 -9.48 -7.12
C ALA A 105 -0.84 -7.95 -6.91
N LEU A 106 -1.78 -7.51 -6.06
CA LEU A 106 -1.91 -6.10 -5.68
C LEU A 106 -0.74 -5.65 -4.78
N ALA A 107 -0.31 -6.47 -3.82
CA ALA A 107 0.87 -6.18 -3.01
C ALA A 107 2.16 -6.03 -3.85
N ASN A 108 2.31 -6.82 -4.92
CA ASN A 108 3.36 -6.63 -5.91
C ASN A 108 3.18 -5.34 -6.73
N ALA A 109 1.95 -4.87 -6.99
CA ALA A 109 1.71 -3.56 -7.60
C ALA A 109 2.14 -2.41 -6.67
N LEU A 110 1.83 -2.49 -5.36
CA LEU A 110 2.29 -1.52 -4.36
C LEU A 110 3.80 -1.59 -4.16
N SER A 111 4.40 -2.79 -4.15
CA SER A 111 5.84 -3.01 -4.12
C SER A 111 6.54 -2.45 -5.36
N ASP A 112 5.97 -2.64 -6.55
CA ASP A 112 6.44 -1.98 -7.78
C ASP A 112 6.44 -0.47 -7.62
N SER A 113 5.33 0.14 -7.19
CA SER A 113 5.25 1.60 -6.98
C SER A 113 6.20 2.11 -5.89
N ALA A 114 6.38 1.38 -4.79
CA ALA A 114 7.25 1.75 -3.67
C ALA A 114 8.75 1.64 -4.02
N ALA A 115 9.15 0.54 -4.66
CA ALA A 115 10.51 0.35 -5.17
C ALA A 115 10.81 1.32 -6.33
N ASN A 116 9.84 1.57 -7.21
CA ASN A 116 9.88 2.64 -8.22
C ASN A 116 9.95 4.04 -7.60
N SER A 117 9.42 4.27 -6.39
CA SER A 117 9.50 5.58 -5.73
C SER A 117 10.97 6.03 -5.53
N ALA A 118 11.89 5.07 -5.35
CA ALA A 118 13.35 5.31 -5.35
C ALA A 118 13.94 5.84 -6.67
N VAL A 119 13.20 5.81 -7.80
CA VAL A 119 13.59 6.45 -9.07
C VAL A 119 13.75 7.96 -8.90
N SER A 120 12.82 8.62 -8.21
CA SER A 120 12.89 10.06 -7.92
C SER A 120 14.06 10.42 -6.99
N GLY A 121 14.51 9.47 -6.15
CA GLY A 121 15.60 9.65 -5.19
C GLY A 121 15.43 10.90 -4.32
N ASN A 122 14.21 11.14 -3.81
CA ASN A 122 13.86 12.36 -3.07
C ASN A 122 12.71 12.15 -2.07
N TYR A 123 11.73 11.31 -2.41
CA TYR A 123 10.65 10.90 -1.50
C TYR A 123 11.17 10.25 -0.20
N LEU A 124 12.33 9.56 -0.27
CA LEU A 124 13.02 8.94 0.87
C LEU A 124 13.87 9.94 1.69
N GLY A 125 13.49 11.22 1.67
CA GLY A 125 14.19 12.33 2.32
C GLY A 125 15.24 12.99 1.40
N VAL A 126 16.09 12.18 0.78
CA VAL A 126 17.17 12.61 -0.14
C VAL A 126 17.70 11.44 -1.00
N SER A 127 18.44 11.73 -2.07
CA SER A 127 19.07 10.72 -2.95
C SER A 127 20.15 9.91 -2.21
N GLN A 128 19.88 8.63 -1.94
CA GLN A 128 20.84 7.70 -1.29
C GLN A 128 20.53 6.22 -1.60
N ASN A 129 20.53 5.84 -2.88
CA ASN A 129 20.42 4.44 -3.36
C ASN A 129 21.02 4.25 -4.78
N SER A 1 -16.16 -12.17 -0.65
CA SER A 1 -14.90 -11.44 -0.39
C SER A 1 -14.03 -12.08 0.71
N TYR A 2 -12.84 -11.52 0.96
CA TYR A 2 -11.87 -12.05 1.93
C TYR A 2 -10.78 -11.02 2.28
N SER A 3 -11.15 -9.88 2.87
CA SER A 3 -10.18 -8.84 3.26
C SER A 3 -9.07 -9.37 4.19
N SER A 4 -9.37 -10.32 5.09
CA SER A 4 -8.39 -10.99 5.95
C SER A 4 -7.37 -11.80 5.15
N ALA A 5 -7.82 -12.58 4.17
CA ALA A 5 -6.96 -13.42 3.34
C ALA A 5 -6.13 -12.58 2.35
N PHE A 6 -6.78 -11.57 1.76
CA PHE A 6 -6.12 -10.55 0.94
C PHE A 6 -5.02 -9.85 1.74
N ALA A 7 -5.33 -9.39 2.95
CA ALA A 7 -4.35 -8.82 3.88
C ALA A 7 -3.32 -9.84 4.38
N GLN A 8 -3.60 -11.14 4.42
CA GLN A 8 -2.59 -12.18 4.74
C GLN A 8 -1.53 -12.31 3.64
N ALA A 9 -1.92 -12.48 2.38
CA ALA A 9 -0.95 -12.52 1.28
C ALA A 9 -0.27 -11.17 1.05
N ALA A 10 -1.05 -10.07 1.11
CA ALA A 10 -0.49 -8.74 1.02
C ALA A 10 0.50 -8.48 2.14
N SER A 11 0.15 -8.70 3.41
CA SER A 11 1.08 -8.61 4.54
C SER A 11 2.29 -9.55 4.38
N SER A 12 2.12 -10.78 3.89
CA SER A 12 3.23 -11.71 3.63
C SER A 12 4.27 -11.09 2.68
N SER A 13 3.82 -10.52 1.55
CA SER A 13 4.68 -9.82 0.59
C SER A 13 5.18 -8.46 1.12
N LEU A 14 4.33 -7.62 1.71
CA LEU A 14 4.66 -6.30 2.26
C LEU A 14 5.68 -6.37 3.41
N ALA A 15 5.57 -7.37 4.31
CA ALA A 15 6.53 -7.65 5.38
C ALA A 15 7.88 -8.18 4.84
N THR A 16 7.87 -8.90 3.72
CA THR A 16 9.06 -9.30 2.96
C THR A 16 9.66 -8.15 2.15
N SER A 17 8.84 -7.19 1.73
CA SER A 17 9.20 -6.08 0.86
C SER A 17 9.76 -4.89 1.66
N SER A 18 11.03 -5.02 2.08
CA SER A 18 11.76 -3.97 2.80
C SER A 18 11.74 -2.61 2.10
N ALA A 19 11.59 -2.57 0.77
CA ALA A 19 11.39 -1.33 0.00
C ALA A 19 10.12 -0.55 0.41
N ILE A 20 9.07 -1.25 0.84
CA ILE A 20 7.83 -0.66 1.39
C ILE A 20 8.08 -0.16 2.81
N SER A 21 8.61 -1.02 3.68
CA SER A 21 8.91 -0.72 5.08
C SER A 21 9.85 0.48 5.21
N ARG A 22 10.90 0.53 4.38
CA ARG A 22 11.83 1.66 4.32
C ARG A 22 11.19 2.91 3.71
N ALA A 23 10.32 2.79 2.70
CA ALA A 23 9.61 3.95 2.14
C ALA A 23 8.71 4.62 3.19
N PHE A 24 8.06 3.84 4.07
CA PHE A 24 7.38 4.38 5.24
C PHE A 24 8.37 4.96 6.28
N ALA A 25 9.42 4.23 6.67
CA ALA A 25 10.41 4.73 7.64
C ALA A 25 11.19 5.97 7.14
N SER A 26 11.19 6.22 5.82
CA SER A 26 11.74 7.42 5.17
C SER A 26 10.99 8.70 5.58
N VAL A 27 9.74 8.60 6.03
CA VAL A 27 8.95 9.74 6.52
C VAL A 27 9.14 9.98 8.02
N SER A 28 8.76 11.18 8.47
CA SER A 28 8.73 11.58 9.89
C SER A 28 7.36 12.09 10.36
N SER A 29 6.33 12.04 9.50
CA SER A 29 4.96 12.49 9.82
C SER A 29 3.90 11.68 9.08
N ALA A 30 2.72 11.51 9.68
CA ALA A 30 1.65 10.71 9.09
C ALA A 30 1.12 11.35 7.80
N SER A 31 1.21 12.68 7.68
CA SER A 31 0.91 13.47 6.47
C SER A 31 1.88 13.17 5.31
N ALA A 32 3.13 12.81 5.61
CA ALA A 32 4.13 12.43 4.60
C ALA A 32 3.94 10.98 4.16
N ALA A 33 3.68 10.05 5.08
CA ALA A 33 3.29 8.68 4.70
C ALA A 33 1.95 8.67 3.97
N SER A 34 0.96 9.47 4.36
CA SER A 34 -0.34 9.51 3.67
C SER A 34 -0.19 10.03 2.25
N SER A 35 0.61 11.08 2.03
CA SER A 35 0.99 11.55 0.70
C SER A 35 1.75 10.49 -0.11
N LEU A 36 2.69 9.74 0.50
CA LEU A 36 3.36 8.63 -0.17
C LEU A 36 2.41 7.52 -0.57
N ALA A 37 1.61 7.02 0.38
CA ALA A 37 0.60 5.99 0.19
C ALA A 37 -0.45 6.40 -0.85
N TYR A 38 -0.79 7.69 -0.95
CA TYR A 38 -1.59 8.26 -2.03
C TYR A 38 -0.81 8.20 -3.37
N ASN A 39 0.40 8.74 -3.43
CA ASN A 39 1.23 8.81 -4.64
C ASN A 39 1.54 7.43 -5.27
N ILE A 40 1.97 6.46 -4.44
CA ILE A 40 2.16 5.05 -4.83
C ILE A 40 0.80 4.34 -5.02
N GLY A 41 -0.24 4.83 -4.35
CA GLY A 41 -1.63 4.44 -4.50
C GLY A 41 -2.16 4.68 -5.90
N LEU A 42 -1.85 5.82 -6.54
CA LEU A 42 -2.13 6.02 -7.97
C LEU A 42 -1.47 4.95 -8.82
N SER A 43 -0.19 4.65 -8.63
CA SER A 43 0.51 3.60 -9.40
C SER A 43 -0.07 2.21 -9.18
N ALA A 44 -0.42 1.83 -7.95
CA ALA A 44 -1.07 0.56 -7.65
C ALA A 44 -2.48 0.48 -8.25
N ALA A 45 -3.28 1.53 -8.08
CA ALA A 45 -4.62 1.67 -8.62
C ALA A 45 -4.62 1.63 -10.17
N ARG A 46 -3.65 2.29 -10.81
CA ARG A 46 -3.40 2.23 -12.26
C ARG A 46 -3.06 0.82 -12.74
N SER A 47 -2.15 0.11 -12.07
CA SER A 47 -1.83 -1.29 -12.35
C SER A 47 -3.01 -2.25 -12.19
N LEU A 48 -3.95 -1.94 -11.29
CA LEU A 48 -5.17 -2.70 -11.02
C LEU A 48 -6.41 -2.17 -11.79
N GLY A 49 -6.22 -1.18 -12.68
CA GLY A 49 -7.27 -0.57 -13.51
C GLY A 49 -8.48 -0.01 -12.75
N ILE A 50 -8.26 0.51 -11.54
CA ILE A 50 -9.30 1.05 -10.65
C ILE A 50 -10.06 2.21 -11.31
N ALA A 51 -11.40 2.22 -11.16
CA ALA A 51 -12.30 3.20 -11.76
C ALA A 51 -12.44 4.51 -10.96
N SER A 52 -11.53 4.74 -10.00
CA SER A 52 -11.52 5.83 -9.02
C SER A 52 -10.17 5.83 -8.27
N ASP A 53 -9.06 5.99 -9.00
CA ASP A 53 -7.71 5.99 -8.41
C ASP A 53 -7.59 6.99 -7.27
N THR A 54 -8.27 8.15 -7.37
CA THR A 54 -8.41 9.17 -6.32
C THR A 54 -8.99 8.63 -5.00
N ALA A 55 -10.05 7.81 -5.06
CA ALA A 55 -10.69 7.24 -3.88
C ALA A 55 -9.84 6.12 -3.27
N LEU A 56 -9.22 5.26 -4.10
CA LEU A 56 -8.38 4.18 -3.62
C LEU A 56 -7.06 4.69 -3.05
N ALA A 57 -6.41 5.66 -3.69
CA ALA A 57 -5.29 6.42 -3.14
C ALA A 57 -5.63 7.07 -1.79
N GLY A 58 -6.85 7.61 -1.66
CA GLY A 58 -7.41 8.11 -0.41
C GLY A 58 -7.62 7.03 0.66
N ALA A 59 -7.96 5.79 0.27
CA ALA A 59 -8.10 4.66 1.19
C ALA A 59 -6.77 4.31 1.88
N LEU A 60 -5.66 4.23 1.13
CA LEU A 60 -4.35 3.95 1.72
C LEU A 60 -3.87 5.14 2.58
N ALA A 61 -4.14 6.38 2.14
CA ALA A 61 -3.86 7.59 2.90
C ALA A 61 -4.63 7.66 4.24
N GLN A 62 -5.92 7.29 4.25
CA GLN A 62 -6.76 7.17 5.45
C GLN A 62 -6.27 6.06 6.39
N ALA A 63 -5.78 4.95 5.84
CA ALA A 63 -5.24 3.83 6.62
C ALA A 63 -3.95 4.21 7.35
N VAL A 64 -3.00 4.75 6.59
CA VAL A 64 -1.71 5.29 7.07
C VAL A 64 -1.91 6.42 8.09
N GLY A 65 -2.78 7.38 7.75
CA GLY A 65 -3.20 8.47 8.64
C GLY A 65 -4.09 8.01 9.80
N GLY A 66 -4.47 6.73 9.84
CA GLY A 66 -5.29 6.10 10.90
C GLY A 66 -4.43 5.46 11.98
N VAL A 67 -3.35 4.75 11.61
CA VAL A 67 -2.35 4.22 12.55
C VAL A 67 -1.47 5.34 13.13
N GLY A 68 -0.92 6.21 12.28
CA GLY A 68 -0.02 7.31 12.67
C GLY A 68 1.48 7.01 12.44
N ALA A 69 2.32 8.05 12.52
CA ALA A 69 3.76 7.97 12.25
C ALA A 69 4.58 7.33 13.39
N GLY A 70 5.77 6.82 13.03
CA GLY A 70 6.66 6.06 13.91
C GLY A 70 6.17 4.64 14.23
N ALA A 71 4.99 4.25 13.72
CA ALA A 71 4.46 2.89 13.81
C ALA A 71 5.26 1.88 12.97
N SER A 72 5.06 0.59 13.24
CA SER A 72 5.70 -0.50 12.50
C SER A 72 5.24 -0.56 11.03
N ALA A 73 6.12 -1.00 10.14
CA ALA A 73 5.76 -1.29 8.76
C ALA A 73 4.70 -2.39 8.64
N SER A 74 4.62 -3.34 9.59
CA SER A 74 3.52 -4.32 9.65
C SER A 74 2.17 -3.66 9.95
N ALA A 75 2.13 -2.63 10.79
CA ALA A 75 0.92 -1.86 11.07
C ALA A 75 0.47 -1.06 9.85
N TYR A 76 1.40 -0.40 9.13
CA TYR A 76 1.10 0.25 7.86
C TYR A 76 0.66 -0.75 6.78
N ALA A 77 1.38 -1.86 6.60
CA ALA A 77 1.04 -2.91 5.66
C ALA A 77 -0.35 -3.48 5.94
N ASN A 78 -0.68 -3.81 7.20
CA ASN A 78 -2.03 -4.23 7.57
C ASN A 78 -3.06 -3.12 7.33
N ALA A 79 -2.80 -1.87 7.74
CA ALA A 79 -3.74 -0.79 7.54
C ALA A 79 -4.07 -0.59 6.05
N ILE A 80 -3.05 -0.50 5.20
CA ILE A 80 -3.18 -0.33 3.75
C ILE A 80 -3.82 -1.58 3.13
N ALA A 81 -3.38 -2.78 3.47
CA ALA A 81 -3.95 -4.02 2.96
C ALA A 81 -5.39 -4.27 3.45
N ARG A 82 -5.79 -3.74 4.62
CA ARG A 82 -7.18 -3.70 5.08
C ARG A 82 -7.98 -2.61 4.37
N ALA A 83 -7.44 -1.43 4.10
CA ALA A 83 -8.18 -0.41 3.36
C ALA A 83 -8.35 -0.78 1.89
N ALA A 84 -7.26 -1.17 1.20
CA ALA A 84 -7.29 -1.74 -0.14
C ALA A 84 -8.12 -3.03 -0.20
N GLY A 85 -7.96 -3.93 0.78
CA GLY A 85 -8.71 -5.18 0.88
C GLY A 85 -10.20 -4.97 1.12
N GLN A 86 -10.59 -4.07 2.03
CA GLN A 86 -11.99 -3.65 2.21
C GLN A 86 -12.55 -2.97 0.95
N PHE A 87 -11.76 -2.13 0.27
CA PHE A 87 -12.18 -1.49 -0.98
C PHE A 87 -12.42 -2.53 -2.09
N LEU A 88 -11.47 -3.43 -2.34
CA LEU A 88 -11.65 -4.50 -3.34
C LEU A 88 -12.72 -5.52 -2.93
N ALA A 89 -12.94 -5.74 -1.63
CA ALA A 89 -14.06 -6.51 -1.10
C ALA A 89 -15.42 -5.86 -1.43
N THR A 90 -15.60 -4.55 -1.19
CA THR A 90 -16.83 -3.84 -1.52
C THR A 90 -17.04 -3.67 -3.04
N GLN A 91 -15.97 -3.61 -3.84
CA GLN A 91 -16.04 -3.70 -5.31
C GLN A 91 -16.35 -5.11 -5.84
N GLY A 92 -16.38 -6.14 -4.97
CA GLY A 92 -16.55 -7.54 -5.39
C GLY A 92 -15.42 -8.09 -6.28
N VAL A 93 -14.27 -7.41 -6.30
CA VAL A 93 -13.03 -7.88 -6.95
C VAL A 93 -12.45 -9.09 -6.20
N LEU A 94 -12.72 -9.20 -4.90
CA LEU A 94 -12.31 -10.32 -4.07
C LEU A 94 -13.40 -11.40 -4.02
N ASN A 95 -13.00 -12.65 -4.21
CA ASN A 95 -13.85 -13.85 -4.26
C ASN A 95 -13.15 -15.03 -3.58
N ALA A 96 -13.90 -15.99 -3.04
CA ALA A 96 -13.35 -17.23 -2.46
C ALA A 96 -12.50 -18.08 -3.45
N VAL A 97 -12.58 -17.79 -4.76
CA VAL A 97 -11.74 -18.33 -5.84
C VAL A 97 -10.24 -18.25 -5.49
N ASN A 98 -9.77 -17.05 -5.12
CA ASN A 98 -8.36 -16.74 -4.82
C ASN A 98 -8.13 -15.31 -4.24
N ALA A 99 -9.10 -14.73 -3.51
CA ALA A 99 -8.91 -13.43 -2.84
C ALA A 99 -7.64 -13.35 -1.99
N SER A 100 -7.26 -14.46 -1.35
CA SER A 100 -5.96 -14.58 -0.67
C SER A 100 -4.81 -14.25 -1.62
N SER A 101 -4.61 -15.03 -2.67
CA SER A 101 -3.55 -14.81 -3.67
C SER A 101 -3.63 -13.47 -4.42
N LEU A 102 -4.83 -12.92 -4.66
CA LEU A 102 -5.01 -11.57 -5.21
C LEU A 102 -4.46 -10.47 -4.29
N GLY A 103 -4.39 -10.71 -2.98
CA GLY A 103 -3.68 -9.86 -2.02
C GLY A 103 -2.21 -9.68 -2.36
N SER A 104 -1.54 -10.78 -2.72
CA SER A 104 -0.17 -10.74 -3.21
C SER A 104 -0.03 -9.96 -4.52
N ALA A 105 -1.01 -10.02 -5.42
CA ALA A 105 -1.00 -9.24 -6.66
C ALA A 105 -1.01 -7.72 -6.41
N LEU A 106 -1.81 -7.23 -5.45
CA LEU A 106 -1.79 -5.82 -5.02
C LEU A 106 -0.52 -5.44 -4.25
N ALA A 107 0.03 -6.34 -3.42
CA ALA A 107 1.31 -6.09 -2.77
C ALA A 107 2.47 -6.00 -3.76
N ASN A 108 2.46 -6.79 -4.84
CA ASN A 108 3.40 -6.63 -5.96
C ASN A 108 3.18 -5.29 -6.69
N ALA A 109 1.93 -4.82 -6.81
CA ALA A 109 1.63 -3.50 -7.33
C ALA A 109 2.25 -2.39 -6.46
N LEU A 110 2.02 -2.39 -5.14
CA LEU A 110 2.68 -1.47 -4.21
C LEU A 110 4.21 -1.60 -4.21
N SER A 111 4.75 -2.81 -4.38
CA SER A 111 6.19 -3.05 -4.55
C SER A 111 6.76 -2.32 -5.77
N ASP A 112 6.11 -2.46 -6.94
CA ASP A 112 6.45 -1.68 -8.13
C ASP A 112 6.29 -0.17 -7.90
N SER A 113 5.22 0.27 -7.22
CA SER A 113 4.94 1.68 -6.96
C SER A 113 5.98 2.34 -6.03
N ALA A 114 6.40 1.66 -4.96
CA ALA A 114 7.43 2.15 -4.03
C ALA A 114 8.85 2.05 -4.61
N ALA A 115 9.14 1.02 -5.41
CA ALA A 115 10.36 0.96 -6.21
C ALA A 115 10.40 2.10 -7.26
N ASN A 116 9.26 2.42 -7.87
CA ASN A 116 9.07 3.59 -8.74
C ASN A 116 9.25 4.92 -7.99
N SER A 117 9.01 5.04 -6.69
CA SER A 117 9.31 6.27 -5.93
C SER A 117 10.79 6.69 -6.07
N ALA A 118 11.71 5.73 -6.20
CA ALA A 118 13.13 5.99 -6.49
C ALA A 118 13.42 6.64 -7.86
N VAL A 119 12.45 6.72 -8.79
CA VAL A 119 12.54 7.49 -10.04
C VAL A 119 12.74 8.98 -9.77
N SER A 120 11.99 9.54 -8.82
CA SER A 120 12.15 10.94 -8.38
C SER A 120 13.49 11.17 -7.67
N GLY A 121 14.07 10.12 -7.10
CA GLY A 121 15.36 10.13 -6.38
C GLY A 121 15.50 11.30 -5.40
N ASN A 122 14.41 11.60 -4.66
CA ASN A 122 14.25 12.77 -3.80
C ASN A 122 13.41 12.44 -2.55
N TYR A 123 12.32 11.68 -2.72
CA TYR A 123 11.44 11.20 -1.64
C TYR A 123 12.18 10.45 -0.53
N LEU A 124 13.30 9.78 -0.88
CA LEU A 124 14.15 9.02 0.05
C LEU A 124 15.14 9.90 0.85
N GLY A 125 14.93 11.22 0.87
CA GLY A 125 15.83 12.21 1.48
C GLY A 125 17.21 12.17 0.84
N VAL A 126 17.27 12.28 -0.49
CA VAL A 126 18.50 12.17 -1.32
C VAL A 126 19.68 12.95 -0.74
N SER A 127 20.66 12.21 -0.21
CA SER A 127 21.80 12.73 0.53
C SER A 127 23.02 11.82 0.35
N GLN A 128 24.20 12.43 0.42
CA GLN A 128 25.49 11.74 0.40
C GLN A 128 25.69 10.86 1.66
N ASN A 129 25.85 9.55 1.45
CA ASN A 129 26.10 8.53 2.49
C ASN A 129 27.51 7.89 2.35
#